data_4K2X
#
_entry.id   4K2X
#
_cell.length_a   76.060
_cell.length_b   115.130
_cell.length_c   121.030
_cell.angle_alpha   90.000
_cell.angle_beta   90.000
_cell.angle_gamma   90.000
#
_symmetry.space_group_name_H-M   'P 21 21 21'
#
loop_
_entity.id
_entity.type
_entity.pdbx_description
1 polymer 'Polyketide oxygenase/hydroxylase'
2 non-polymer 'FLAVIN-ADENINE DINUCLEOTIDE'
3 water water
#
_entity_poly.entity_id   1
_entity_poly.type   'polypeptide(L)'
_entity_poly.pdbx_seq_one_letter_code
;MGSSHHHHHHSSGLVPRGSHMRYDVVIAGAGPTGLMLACELRLAGARTLVLERLAEPVDFSKALGVHARTVELLDMRGLG
EGFQAEAPKLRGGNFASLGVPLDFSSFDTRHPYALFVPQVRTEELLTGRALELGAELRRGHAVTALEQDADGVTVSVTGP
EGPYEVECAYLVGCDGGGSTVRKLLGIDFPGQDPHMFAVIADARFREELPHGEGMGPMRPYGVMRHDLRAWFAAFPLEPD
VYRATVAFFDRPYADRRAPVTEEDVRAALTEVAGSDFGMHDVRWLSRLTDTSRQAERYRDGRVLLAGDACHIHLPAGGQG
LNLGFQDAVNLGWKLGATIAGTAPPELLDTYEAERRPIAAGVLRNTRAQAVLIDPDPRYEGLRELMIELLHVPETNRYLA
GLISALDVRYPMAGEHPLLGRRVPDLPLVTEDGTRQLSTYFHAARGVLLTLGCDQPLADEAAAWKDRVDLVAAEGVADPG
SAVDGLTALLVRPDGYICWTAAPETGTDGLTDALRTWFGPPAM
;
_entity_poly.pdbx_strand_id   A,B
#
# COMPACT_ATOMS: atom_id res chain seq x y z
N MET A 21 -12.44 30.56 43.84
CA MET A 21 -13.19 29.69 42.93
C MET A 21 -12.48 28.36 42.68
N ARG A 22 -13.23 27.26 42.94
CA ARG A 22 -12.84 25.86 42.85
C ARG A 22 -13.88 25.10 41.99
N TYR A 23 -13.34 24.36 41.02
CA TYR A 23 -14.00 23.54 40.01
C TYR A 23 -13.33 22.18 40.05
N ASP A 24 -13.99 21.15 39.49
CA ASP A 24 -13.39 19.83 39.43
C ASP A 24 -12.34 19.80 38.31
N VAL A 25 -12.73 20.26 37.12
CA VAL A 25 -11.90 20.31 35.92
C VAL A 25 -11.94 21.71 35.32
N VAL A 26 -10.77 22.16 34.87
CA VAL A 26 -10.62 23.39 34.11
C VAL A 26 -10.17 22.95 32.70
N ILE A 27 -10.86 23.44 31.66
CA ILE A 27 -10.51 23.17 30.24
C ILE A 27 -10.03 24.48 29.61
N ALA A 28 -8.82 24.48 29.05
CA ALA A 28 -8.29 25.64 28.33
C ALA A 28 -8.59 25.44 26.84
N GLY A 29 -9.49 26.26 26.28
CA GLY A 29 -9.85 26.19 24.86
C GLY A 29 -11.23 25.64 24.57
N ALA A 30 -12.04 26.40 23.81
CA ALA A 30 -13.41 26.07 23.40
C ALA A 30 -13.54 25.72 21.92
N GLY A 31 -12.53 25.04 21.39
CA GLY A 31 -12.57 24.48 20.06
C GLY A 31 -13.44 23.22 20.13
N PRO A 32 -13.59 22.41 19.04
CA PRO A 32 -14.43 21.20 19.15
C PRO A 32 -13.99 20.16 20.20
N THR A 33 -12.68 20.09 20.54
CA THR A 33 -12.19 19.12 21.53
C THR A 33 -12.62 19.49 22.94
N GLY A 34 -12.36 20.74 23.28
CA GLY A 34 -12.69 21.32 24.57
C GLY A 34 -14.18 21.25 24.83
N LEU A 35 -14.98 21.59 23.83
CA LEU A 35 -16.45 21.62 23.92
C LEU A 35 -17.03 20.24 24.15
N MET A 36 -16.54 19.21 23.41
CA MET A 36 -16.99 17.83 23.56
C MET A 36 -16.55 17.31 24.92
N LEU A 37 -15.31 17.64 25.33
CA LEU A 37 -14.80 17.25 26.65
C LEU A 37 -15.70 17.81 27.78
N ALA A 38 -16.07 19.09 27.66
CA ALA A 38 -16.98 19.74 28.61
C ALA A 38 -18.31 18.95 28.69
N CYS A 39 -18.89 18.55 27.55
CA CYS A 39 -20.13 17.79 27.52
C CYS A 39 -20.01 16.47 28.27
N GLU A 40 -18.91 15.73 28.02
CA GLU A 40 -18.59 14.43 28.58
C GLU A 40 -18.35 14.50 30.05
N LEU A 41 -17.61 15.48 30.49
CA LEU A 41 -17.37 15.68 31.91
C LEU A 41 -18.67 16.01 32.72
N ARG A 42 -19.61 16.78 32.12
CA ARG A 42 -20.90 17.11 32.74
C ARG A 42 -21.76 15.86 32.85
N LEU A 43 -21.79 15.00 31.81
CA LEU A 43 -22.50 13.71 31.88
C LEU A 43 -21.97 12.86 33.08
N ALA A 44 -20.66 12.95 33.38
CA ALA A 44 -19.99 12.28 34.50
C ALA A 44 -20.03 13.06 35.86
N GLY A 45 -20.86 14.11 35.93
CA GLY A 45 -21.06 14.92 37.12
C GLY A 45 -19.94 15.83 37.61
N ALA A 46 -18.98 16.19 36.74
CA ALA A 46 -17.88 17.07 37.17
C ALA A 46 -18.20 18.56 36.97
N ARG A 47 -17.95 19.41 38.00
CA ARG A 47 -18.11 20.86 37.90
C ARG A 47 -16.98 21.30 36.97
N THR A 48 -17.33 21.73 35.76
CA THR A 48 -16.41 22.04 34.67
C THR A 48 -16.33 23.52 34.33
N LEU A 49 -15.10 24.03 34.13
CA LEU A 49 -14.90 25.41 33.68
C LEU A 49 -14.16 25.42 32.35
N VAL A 50 -14.73 26.09 31.38
CA VAL A 50 -14.12 26.21 30.07
C VAL A 50 -13.72 27.66 29.75
N LEU A 51 -12.41 27.88 29.61
CA LEU A 51 -11.77 29.16 29.37
C LEU A 51 -11.34 29.25 27.92
N GLU A 52 -11.91 30.23 27.19
CA GLU A 52 -11.60 30.48 25.78
C GLU A 52 -10.97 31.84 25.57
N ARG A 53 -9.77 31.85 24.92
CA ARG A 53 -9.02 33.07 24.60
C ARG A 53 -9.86 34.05 23.81
N LEU A 54 -10.56 33.58 22.76
CA LEU A 54 -11.37 34.48 21.89
C LEU A 54 -12.61 34.98 22.58
N ALA A 55 -12.93 36.26 22.39
CA ALA A 55 -14.10 36.92 22.98
C ALA A 55 -15.40 36.49 22.30
N GLU A 56 -15.33 36.20 20.99
CA GLU A 56 -16.48 35.78 20.19
C GLU A 56 -16.03 34.59 19.39
N PRO A 57 -16.92 33.64 19.03
CA PRO A 57 -16.48 32.54 18.18
C PRO A 57 -16.03 33.02 16.79
N VAL A 58 -15.06 32.31 16.26
CA VAL A 58 -14.48 32.43 14.93
C VAL A 58 -15.61 32.32 13.84
N ASP A 59 -15.44 33.09 12.79
CA ASP A 59 -16.38 33.23 11.68
C ASP A 59 -16.08 32.39 10.41
N PHE A 60 -14.99 31.62 10.41
CA PHE A 60 -14.54 30.75 9.31
C PHE A 60 -14.50 29.29 9.77
N SER A 61 -14.53 28.34 8.82
CA SER A 61 -14.43 26.93 9.17
C SER A 61 -13.15 26.30 8.63
N LYS A 62 -12.36 25.65 9.51
CA LYS A 62 -11.17 24.92 9.11
C LYS A 62 -11.69 23.57 8.61
N ALA A 63 -12.29 22.76 9.49
CA ALA A 63 -12.90 21.49 9.14
C ALA A 63 -14.19 21.72 8.35
N LEU A 64 -14.46 20.84 7.38
CA LEU A 64 -15.62 20.98 6.51
C LEU A 64 -16.61 19.83 6.67
N GLY A 65 -16.28 18.90 7.56
CA GLY A 65 -17.13 17.77 7.82
C GLY A 65 -16.71 16.97 9.03
N VAL A 66 -17.44 15.89 9.30
CA VAL A 66 -17.22 14.93 10.39
C VAL A 66 -17.33 13.54 9.74
N HIS A 67 -16.46 12.62 10.15
CA HIS A 67 -16.43 11.27 9.62
C HIS A 67 -17.45 10.39 10.31
N ALA A 68 -17.68 9.19 9.77
CA ALA A 68 -18.66 8.21 10.24
C ALA A 68 -18.60 7.88 11.73
N ARG A 69 -17.39 7.75 12.32
CA ARG A 69 -17.30 7.44 13.76
C ARG A 69 -17.80 8.56 14.67
N THR A 70 -17.53 9.83 14.34
CA THR A 70 -18.01 11.00 15.08
C THR A 70 -19.54 11.02 15.02
N VAL A 71 -20.15 10.77 13.84
CA VAL A 71 -21.62 10.72 13.70
C VAL A 71 -22.21 9.64 14.65
N GLU A 72 -21.55 8.48 14.74
CA GLU A 72 -22.00 7.42 15.65
C GLU A 72 -21.97 7.88 17.11
N LEU A 73 -20.92 8.63 17.50
CA LEU A 73 -20.78 9.12 18.86
C LEU A 73 -21.77 10.22 19.16
N LEU A 74 -22.06 11.13 18.20
CA LEU A 74 -23.10 12.15 18.38
C LEU A 74 -24.48 11.46 18.56
N ASP A 75 -24.75 10.38 17.80
CA ASP A 75 -25.97 9.54 17.86
C ASP A 75 -26.12 8.94 19.25
N MET A 76 -25.02 8.34 19.77
CA MET A 76 -24.94 7.78 21.11
C MET A 76 -25.28 8.82 22.19
N ARG A 77 -24.98 10.09 21.93
CA ARG A 77 -25.23 11.18 22.88
C ARG A 77 -26.55 11.91 22.65
N GLY A 78 -27.25 11.56 21.57
CA GLY A 78 -28.52 12.16 21.20
C GLY A 78 -28.34 13.52 20.53
N LEU A 79 -27.20 13.73 19.87
CA LEU A 79 -26.85 14.97 19.18
C LEU A 79 -26.89 14.83 17.65
N GLY A 80 -26.81 13.58 17.17
CA GLY A 80 -26.76 13.18 15.78
C GLY A 80 -27.71 13.90 14.84
N GLU A 81 -29.01 13.97 15.23
CA GLU A 81 -30.08 14.63 14.46
C GLU A 81 -29.79 16.10 14.13
N GLY A 82 -29.09 16.79 15.04
CA GLY A 82 -28.70 18.19 14.89
C GLY A 82 -27.68 18.43 13.80
N PHE A 83 -26.74 17.48 13.65
CA PHE A 83 -25.69 17.57 12.65
C PHE A 83 -26.20 17.18 11.27
N GLN A 84 -26.94 16.06 11.16
CA GLN A 84 -27.50 15.54 9.91
C GLN A 84 -28.47 16.50 9.19
N ALA A 85 -29.06 17.49 9.91
CA ALA A 85 -29.95 18.53 9.35
C ALA A 85 -29.23 19.24 8.19
N GLU A 86 -27.91 19.52 8.38
CA GLU A 86 -26.97 20.04 7.38
C GLU A 86 -26.59 18.76 6.55
N ALA A 87 -27.56 18.34 5.75
CA ALA A 87 -27.58 17.12 4.97
C ALA A 87 -26.35 16.58 4.19
N PRO A 88 -25.50 17.35 3.47
CA PRO A 88 -24.55 16.70 2.56
C PRO A 88 -23.75 15.51 3.04
N LYS A 89 -23.96 14.36 2.38
CA LYS A 89 -23.32 13.08 2.68
C LYS A 89 -22.26 12.76 1.63
N LEU A 90 -21.01 12.51 2.07
CA LEU A 90 -19.85 12.18 1.24
C LEU A 90 -19.61 10.71 1.43
N ARG A 91 -20.09 9.87 0.50
CA ARG A 91 -19.99 8.41 0.62
C ARG A 91 -18.61 7.81 0.30
N GLY A 92 -17.75 8.64 -0.28
CA GLY A 92 -16.40 8.26 -0.65
C GLY A 92 -15.41 9.21 -0.01
N GLY A 93 -14.26 8.68 0.36
CA GLY A 93 -13.24 9.47 1.01
C GLY A 93 -12.05 9.75 0.13
N ASN A 94 -11.35 10.83 0.45
CA ASN A 94 -10.15 11.26 -0.22
C ASN A 94 -8.91 10.63 0.43
N PHE A 95 -8.03 10.08 -0.40
CA PHE A 95 -6.71 9.59 -0.03
C PHE A 95 -5.70 10.15 -1.05
N ALA A 96 -5.00 11.24 -0.65
CA ALA A 96 -3.96 11.98 -1.35
C ALA A 96 -4.37 12.36 -2.79
N SER A 97 -5.67 12.68 -3.00
CA SER A 97 -6.25 13.03 -4.31
C SER A 97 -5.76 12.14 -5.46
N LEU A 98 -5.89 10.82 -5.27
CA LEU A 98 -5.45 9.80 -6.22
C LEU A 98 -6.55 9.29 -7.20
N GLY A 99 -7.78 9.81 -7.06
CA GLY A 99 -8.93 9.47 -7.89
C GLY A 99 -9.65 8.18 -7.51
N VAL A 100 -9.14 7.46 -6.49
CA VAL A 100 -9.76 6.21 -6.03
C VAL A 100 -10.40 6.47 -4.67
N PRO A 101 -11.74 6.67 -4.61
CA PRO A 101 -12.37 6.98 -3.30
C PRO A 101 -12.27 5.87 -2.27
N LEU A 102 -12.27 6.29 -1.00
CA LEU A 102 -12.30 5.40 0.16
C LEU A 102 -13.76 5.12 0.43
N ASP A 103 -14.19 3.93 0.05
CA ASP A 103 -15.56 3.47 0.15
C ASP A 103 -15.92 3.16 1.60
N PHE A 104 -16.90 3.90 2.14
CA PHE A 104 -17.35 3.71 3.51
C PHE A 104 -18.57 2.75 3.62
N SER A 105 -19.14 2.34 2.48
CA SER A 105 -20.31 1.46 2.41
C SER A 105 -20.03 0.03 2.87
N SER A 106 -18.74 -0.36 2.86
CA SER A 106 -18.21 -1.67 3.25
C SER A 106 -18.28 -1.90 4.78
N PHE A 107 -18.82 -0.91 5.51
CA PHE A 107 -18.87 -0.93 6.96
C PHE A 107 -20.19 -1.19 7.59
N ASP A 108 -20.18 -1.93 8.72
CA ASP A 108 -21.39 -2.19 9.46
C ASP A 108 -21.69 -0.94 10.30
N THR A 109 -22.31 0.04 9.67
CA THR A 109 -22.64 1.31 10.29
C THR A 109 -23.92 1.82 9.70
N ARG A 110 -24.62 2.67 10.45
CA ARG A 110 -25.84 3.35 10.02
C ARG A 110 -25.45 4.59 9.21
N HIS A 111 -24.17 5.03 9.27
CA HIS A 111 -23.66 6.21 8.55
C HIS A 111 -22.48 5.86 7.63
N PRO A 112 -22.69 5.11 6.52
CA PRO A 112 -21.56 4.75 5.64
C PRO A 112 -21.15 5.92 4.74
N TYR A 113 -20.74 7.00 5.37
CA TYR A 113 -20.36 8.22 4.70
C TYR A 113 -19.77 9.18 5.72
N ALA A 114 -19.21 10.26 5.19
CA ALA A 114 -18.77 11.43 5.94
C ALA A 114 -19.92 12.48 5.70
N LEU A 115 -20.15 13.32 6.66
CA LEU A 115 -21.17 14.37 6.65
C LEU A 115 -20.48 15.72 6.37
N PHE A 116 -21.01 16.58 5.44
CA PHE A 116 -20.42 17.89 5.14
C PHE A 116 -20.99 18.90 6.16
N VAL A 117 -20.24 19.16 7.22
CA VAL A 117 -20.69 20.06 8.28
C VAL A 117 -19.54 21.01 8.56
N PRO A 118 -19.69 22.32 8.29
CA PRO A 118 -18.58 23.26 8.56
C PRO A 118 -18.35 23.41 10.06
N GLN A 119 -17.10 23.60 10.47
CA GLN A 119 -16.66 23.73 11.86
C GLN A 119 -17.45 24.73 12.67
N VAL A 120 -17.81 25.87 12.07
CA VAL A 120 -18.57 26.92 12.75
C VAL A 120 -19.88 26.33 13.28
N ARG A 121 -20.53 25.46 12.49
CA ARG A 121 -21.77 24.78 12.82
C ARG A 121 -21.53 23.68 13.87
N THR A 122 -20.43 22.90 13.74
CA THR A 122 -20.03 21.86 14.69
C THR A 122 -19.83 22.47 16.08
N GLU A 123 -19.10 23.59 16.14
CA GLU A 123 -18.82 24.33 17.37
C GLU A 123 -20.10 24.93 17.98
N GLU A 124 -21.03 25.44 17.15
CA GLU A 124 -22.31 26.00 17.58
C GLU A 124 -23.19 24.90 18.22
N LEU A 125 -23.15 23.69 17.64
CA LEU A 125 -23.89 22.54 18.15
C LEU A 125 -23.32 22.06 19.49
N LEU A 126 -22.00 21.97 19.58
CA LEU A 126 -21.34 21.55 20.82
C LEU A 126 -21.45 22.58 21.95
N THR A 127 -21.53 23.88 21.61
CA THR A 127 -21.66 24.98 22.57
C THR A 127 -23.03 24.92 23.17
N GLY A 128 -24.04 24.73 22.33
CA GLY A 128 -25.42 24.58 22.77
C GLY A 128 -25.54 23.48 23.81
N ARG A 129 -24.96 22.30 23.50
CA ARG A 129 -24.95 21.12 24.35
C ARG A 129 -24.21 21.33 25.66
N ALA A 130 -22.95 21.83 25.61
CA ALA A 130 -22.12 22.06 26.78
C ALA A 130 -22.81 23.01 27.78
N LEU A 131 -23.46 24.07 27.26
CA LEU A 131 -24.20 25.05 28.07
C LEU A 131 -25.44 24.39 28.65
N GLU A 132 -26.21 23.63 27.82
CA GLU A 132 -27.44 22.94 28.24
C GLU A 132 -27.14 22.02 29.41
N LEU A 133 -25.96 21.37 29.39
CA LEU A 133 -25.43 20.45 30.38
C LEU A 133 -24.84 21.13 31.64
N GLY A 134 -24.73 22.44 31.61
CA GLY A 134 -24.24 23.18 32.77
C GLY A 134 -22.76 23.47 32.88
N ALA A 135 -22.02 23.34 31.77
CA ALA A 135 -20.60 23.69 31.79
C ALA A 135 -20.51 25.20 31.73
N GLU A 136 -19.58 25.79 32.52
CA GLU A 136 -19.37 27.24 32.53
C GLU A 136 -18.39 27.64 31.44
N LEU A 137 -18.82 28.50 30.52
CA LEU A 137 -17.97 28.97 29.44
C LEU A 137 -17.56 30.44 29.66
N ARG A 138 -16.25 30.71 29.67
CA ARG A 138 -15.75 32.07 29.83
C ARG A 138 -14.98 32.49 28.58
N ARG A 139 -15.64 33.22 27.69
CA ARG A 139 -15.00 33.68 26.46
C ARG A 139 -14.26 34.98 26.70
N GLY A 140 -13.02 35.05 26.22
CA GLY A 140 -12.09 36.16 26.43
C GLY A 140 -11.16 35.89 27.60
N HIS A 141 -11.17 34.65 28.13
CA HIS A 141 -10.34 34.25 29.26
C HIS A 141 -9.21 33.32 28.82
N ALA A 142 -7.96 33.73 29.10
CA ALA A 142 -6.81 32.93 28.73
C ALA A 142 -5.99 32.44 29.91
N VAL A 143 -5.49 31.21 29.78
CA VAL A 143 -4.60 30.58 30.76
C VAL A 143 -3.18 31.01 30.43
N THR A 144 -2.48 31.60 31.41
CA THR A 144 -1.10 32.13 31.27
C THR A 144 -0.03 31.32 32.04
N ALA A 145 -0.44 30.66 33.14
CA ALA A 145 0.44 29.86 33.98
C ALA A 145 -0.34 28.78 34.67
N LEU A 146 0.38 27.80 35.23
CA LEU A 146 -0.22 26.71 36.00
C LEU A 146 0.75 26.25 37.08
N GLU A 147 0.21 25.81 38.22
CA GLU A 147 0.95 25.26 39.36
C GLU A 147 0.25 23.99 39.77
N GLN A 148 1.02 22.95 39.94
CA GLN A 148 0.52 21.62 40.26
C GLN A 148 1.19 21.04 41.53
N ASP A 149 0.47 20.20 42.26
CA ASP A 149 0.93 19.46 43.44
C ASP A 149 0.08 18.18 43.52
N ALA A 150 0.18 17.43 44.62
CA ALA A 150 -0.57 16.16 44.82
C ALA A 150 -2.07 16.37 44.93
N ASP A 151 -2.46 17.51 45.49
CA ASP A 151 -3.83 17.87 45.82
C ASP A 151 -4.64 18.43 44.67
N GLY A 152 -4.01 19.24 43.82
CA GLY A 152 -4.69 19.86 42.68
C GLY A 152 -3.86 20.75 41.80
N VAL A 153 -4.55 21.57 41.00
CA VAL A 153 -3.93 22.50 40.07
C VAL A 153 -4.48 23.89 40.34
N THR A 154 -3.59 24.88 40.27
CA THR A 154 -3.94 26.30 40.35
C THR A 154 -3.60 26.91 38.98
N VAL A 155 -4.61 27.45 38.31
CA VAL A 155 -4.44 28.03 37.00
C VAL A 155 -4.52 29.54 36.98
N SER A 156 -3.53 30.19 36.30
CA SER A 156 -3.48 31.63 36.20
C SER A 156 -4.25 32.07 34.97
N VAL A 157 -5.27 32.92 35.20
CA VAL A 157 -6.15 33.38 34.13
C VAL A 157 -6.12 34.89 33.99
N THR A 158 -6.17 35.34 32.73
CA THR A 158 -6.33 36.74 32.37
C THR A 158 -7.60 36.83 31.56
N GLY A 159 -8.52 37.64 32.04
CA GLY A 159 -9.79 37.85 31.37
C GLY A 159 -10.16 39.32 31.30
N PRO A 160 -11.34 39.66 30.70
CA PRO A 160 -11.77 41.09 30.65
C PRO A 160 -11.98 41.80 31.99
N GLU A 161 -12.13 41.06 33.07
CA GLU A 161 -12.32 41.62 34.42
C GLU A 161 -11.02 41.61 35.22
N GLY A 162 -9.91 41.32 34.54
CA GLY A 162 -8.59 41.28 35.13
C GLY A 162 -8.00 39.91 35.38
N PRO A 163 -6.79 39.85 35.98
CA PRO A 163 -6.20 38.52 36.26
C PRO A 163 -6.80 37.86 37.49
N TYR A 164 -6.77 36.55 37.52
CA TYR A 164 -7.23 35.79 38.68
C TYR A 164 -6.68 34.39 38.61
N GLU A 165 -6.87 33.62 39.68
CA GLU A 165 -6.46 32.23 39.82
C GLU A 165 -7.64 31.34 40.14
N VAL A 166 -7.67 30.15 39.56
CA VAL A 166 -8.73 29.18 39.80
C VAL A 166 -8.10 27.82 40.15
N GLU A 167 -8.68 27.19 41.14
CA GLU A 167 -8.23 25.91 41.64
C GLU A 167 -9.09 24.84 41.05
N CYS A 168 -8.49 23.68 40.77
CA CYS A 168 -9.18 22.49 40.24
C CYS A 168 -8.42 21.23 40.61
N ALA A 169 -9.08 20.07 40.46
CA ALA A 169 -8.43 18.77 40.69
C ALA A 169 -7.59 18.45 39.43
N TYR A 170 -8.10 18.82 38.23
CA TYR A 170 -7.43 18.52 36.96
C TYR A 170 -7.60 19.64 35.96
N LEU A 171 -6.54 19.90 35.19
CA LEU A 171 -6.63 20.86 34.09
C LEU A 171 -6.41 20.13 32.76
N VAL A 172 -7.19 20.50 31.76
CA VAL A 172 -7.01 19.90 30.43
C VAL A 172 -6.71 20.98 29.39
N GLY A 173 -5.60 20.77 28.68
CA GLY A 173 -5.21 21.63 27.58
C GLY A 173 -5.83 21.15 26.27
N CYS A 174 -6.82 21.89 25.79
CA CYS A 174 -7.53 21.70 24.53
C CYS A 174 -7.35 23.01 23.72
N ASP A 175 -6.15 23.63 23.89
CA ASP A 175 -5.77 24.92 23.35
C ASP A 175 -5.08 24.98 21.94
N GLY A 176 -5.30 23.95 21.12
CA GLY A 176 -4.78 23.89 19.76
C GLY A 176 -3.34 23.47 19.63
N GLY A 177 -2.84 23.46 18.39
CA GLY A 177 -1.48 23.07 18.04
C GLY A 177 -0.35 23.85 18.69
N GLY A 178 -0.57 25.15 18.93
CA GLY A 178 0.43 25.96 19.59
C GLY A 178 0.28 25.97 21.12
N SER A 179 -0.59 25.06 21.67
CA SER A 179 -0.95 24.86 23.07
C SER A 179 -0.03 25.50 24.10
N THR A 180 -0.58 26.44 24.86
CA THR A 180 0.09 27.15 25.93
C THR A 180 0.42 26.16 27.03
N VAL A 181 -0.57 25.30 27.35
CA VAL A 181 -0.55 24.29 28.42
C VAL A 181 0.57 23.27 28.21
N ARG A 182 0.74 22.77 26.98
CA ARG A 182 1.79 21.81 26.60
C ARG A 182 3.15 22.43 26.91
N LYS A 183 3.37 23.69 26.45
CA LYS A 183 4.60 24.43 26.66
C LYS A 183 4.82 24.73 28.14
N LEU A 184 3.73 25.09 28.90
CA LEU A 184 3.83 25.36 30.32
C LEU A 184 4.35 24.15 31.09
N LEU A 185 3.89 22.96 30.71
CA LEU A 185 4.25 21.68 31.25
C LEU A 185 5.66 21.20 30.87
N GLY A 186 6.22 21.76 29.81
CA GLY A 186 7.53 21.32 29.34
C GLY A 186 7.47 20.01 28.56
N ILE A 187 6.29 19.65 28.03
CA ILE A 187 6.14 18.43 27.27
C ILE A 187 6.71 18.66 25.89
N ASP A 188 7.63 17.79 25.47
CA ASP A 188 8.21 17.89 24.13
C ASP A 188 7.20 17.48 23.06
N PHE A 189 7.26 18.16 21.92
CA PHE A 189 6.37 17.96 20.78
C PHE A 189 7.19 17.42 19.60
N PRO A 190 7.77 16.19 19.67
CA PRO A 190 8.63 15.74 18.56
C PRO A 190 7.85 15.39 17.30
N GLY A 191 8.54 15.55 16.18
CA GLY A 191 8.01 15.25 14.87
C GLY A 191 8.87 15.78 13.74
N GLN A 192 8.24 16.16 12.67
CA GLN A 192 8.96 16.57 11.48
C GLN A 192 8.63 17.97 11.04
N ASP A 193 9.68 18.61 10.53
CA ASP A 193 9.62 19.95 9.99
C ASP A 193 8.96 19.87 8.60
N PRO A 194 8.23 20.90 8.15
CA PRO A 194 7.53 20.78 6.86
C PRO A 194 8.44 20.78 5.63
N HIS A 195 7.93 20.23 4.53
CA HIS A 195 8.53 20.14 3.19
C HIS A 195 7.55 20.79 2.18
N MET A 196 6.37 21.21 2.65
CA MET A 196 5.38 21.89 1.83
C MET A 196 4.70 23.06 2.52
N PHE A 197 4.40 24.08 1.73
CA PHE A 197 3.74 25.29 2.16
C PHE A 197 2.56 25.53 1.24
N ALA A 198 1.41 25.87 1.80
CA ALA A 198 0.26 26.19 0.99
C ALA A 198 -0.51 27.37 1.53
N VAL A 199 -1.17 28.10 0.65
CA VAL A 199 -2.04 29.23 1.01
C VAL A 199 -3.47 28.86 0.63
N ILE A 200 -4.40 29.05 1.56
CA ILE A 200 -5.79 28.73 1.40
C ILE A 200 -6.62 29.99 1.34
N ALA A 201 -7.70 29.96 0.53
CA ALA A 201 -8.65 31.05 0.36
C ALA A 201 -10.04 30.49 0.15
N ASP A 202 -10.99 30.95 0.98
CA ASP A 202 -12.39 30.62 0.85
C ASP A 202 -12.95 31.87 0.14
N ALA A 203 -13.06 31.81 -1.19
CA ALA A 203 -13.48 32.96 -1.97
C ALA A 203 -14.40 32.66 -3.13
N ARG A 204 -14.82 33.75 -3.79
CA ARG A 204 -15.67 33.73 -4.98
C ARG A 204 -14.80 34.10 -6.15
N PHE A 205 -15.13 33.58 -7.33
CA PHE A 205 -14.34 33.85 -8.55
C PHE A 205 -15.25 34.29 -9.69
N ARG A 206 -14.94 35.42 -10.31
CA ARG A 206 -15.67 35.98 -11.47
C ARG A 206 -15.47 35.10 -12.70
N GLU A 207 -14.21 34.71 -12.99
CA GLU A 207 -13.86 33.84 -14.11
C GLU A 207 -14.19 32.40 -13.81
N GLU A 208 -14.25 31.56 -14.85
CA GLU A 208 -14.54 30.12 -14.75
C GLU A 208 -13.26 29.39 -14.33
N LEU A 209 -13.35 28.43 -13.40
CA LEU A 209 -12.18 27.68 -12.93
C LEU A 209 -11.84 26.51 -13.88
N PRO A 210 -10.54 26.22 -14.12
CA PRO A 210 -10.19 25.09 -15.01
C PRO A 210 -10.41 23.74 -14.34
N HIS A 211 -10.78 22.70 -15.13
CA HIS A 211 -11.05 21.36 -14.60
C HIS A 211 -9.77 20.54 -14.35
N GLY A 212 -9.69 19.91 -13.19
CA GLY A 212 -8.55 19.09 -12.78
C GLY A 212 -8.90 18.13 -11.66
N PRO A 220 -11.45 18.58 -8.41
CA PRO A 220 -12.50 19.13 -9.30
C PRO A 220 -11.91 20.20 -10.21
N TYR A 221 -11.29 21.21 -9.60
CA TYR A 221 -10.68 22.33 -10.29
C TYR A 221 -9.27 22.48 -9.82
N GLY A 222 -8.42 22.93 -10.73
CA GLY A 222 -7.03 23.16 -10.38
C GLY A 222 -6.07 23.00 -11.53
N VAL A 223 -4.81 23.31 -11.27
CA VAL A 223 -3.73 23.17 -12.23
C VAL A 223 -2.47 22.56 -11.60
N MET A 224 -2.08 21.41 -12.16
CA MET A 224 -0.90 20.65 -11.81
C MET A 224 0.29 21.36 -12.43
N ARG A 225 1.43 21.37 -11.72
CA ARG A 225 2.62 22.05 -12.22
C ARG A 225 3.91 21.36 -11.75
N HIS A 226 4.14 20.13 -12.29
CA HIS A 226 5.30 19.25 -12.03
C HIS A 226 6.62 19.97 -12.13
N ASP A 227 6.72 20.95 -13.06
CA ASP A 227 7.92 21.75 -13.32
C ASP A 227 8.25 22.70 -12.17
N LEU A 228 7.20 23.36 -11.65
CA LEU A 228 7.29 24.30 -10.55
C LEU A 228 7.32 23.62 -9.19
N ARG A 229 6.97 22.30 -9.12
CA ARG A 229 6.79 21.50 -7.90
C ARG A 229 5.71 22.16 -7.06
N ALA A 230 4.65 22.60 -7.73
CA ALA A 230 3.53 23.28 -7.13
C ALA A 230 2.24 22.80 -7.77
N TRP A 231 1.12 23.11 -7.12
CA TRP A 231 -0.20 22.87 -7.69
C TRP A 231 -1.21 23.82 -7.09
N PHE A 232 -2.28 24.09 -7.85
CA PHE A 232 -3.45 24.83 -7.45
C PHE A 232 -4.59 23.83 -7.47
N ALA A 233 -5.51 23.94 -6.53
CA ALA A 233 -6.68 23.08 -6.43
C ALA A 233 -7.81 23.83 -5.75
N ALA A 234 -9.01 23.71 -6.31
CA ALA A 234 -10.21 24.34 -5.78
C ALA A 234 -11.37 23.36 -5.78
N PHE A 235 -12.32 23.58 -4.89
CA PHE A 235 -13.54 22.77 -4.79
C PHE A 235 -14.66 23.59 -4.14
N PRO A 236 -15.95 23.31 -4.46
CA PRO A 236 -17.02 24.15 -3.90
C PRO A 236 -17.33 23.94 -2.42
N LEU A 237 -17.68 25.05 -1.76
CA LEU A 237 -18.05 25.13 -0.35
C LEU A 237 -19.57 25.18 -0.30
N GLU A 238 -20.16 26.23 -0.88
CA GLU A 238 -21.59 26.48 -1.04
C GLU A 238 -21.71 27.01 -2.48
N PRO A 239 -22.90 27.07 -3.12
CA PRO A 239 -22.94 27.57 -4.51
C PRO A 239 -22.15 28.87 -4.71
N ASP A 240 -21.25 28.85 -5.71
CA ASP A 240 -20.39 29.97 -6.12
C ASP A 240 -19.24 30.42 -5.15
N VAL A 241 -18.91 29.60 -4.14
CA VAL A 241 -17.82 29.88 -3.20
C VAL A 241 -16.88 28.66 -3.16
N TYR A 242 -15.56 28.89 -3.27
CA TYR A 242 -14.60 27.80 -3.32
C TYR A 242 -13.50 27.91 -2.27
N ARG A 243 -12.93 26.76 -1.91
CA ARG A 243 -11.74 26.70 -1.09
C ARG A 243 -10.63 26.46 -2.12
N ALA A 244 -9.76 27.45 -2.31
CA ALA A 244 -8.64 27.44 -3.25
C ALA A 244 -7.38 27.22 -2.43
N THR A 245 -6.52 26.30 -2.89
CA THR A 245 -5.26 25.97 -2.22
C THR A 245 -4.18 26.07 -3.26
N VAL A 246 -3.05 26.65 -2.89
CA VAL A 246 -1.88 26.72 -3.76
C VAL A 246 -0.75 26.20 -2.91
N ALA A 247 -0.25 25.00 -3.22
CA ALA A 247 0.81 24.25 -2.51
C ALA A 247 2.17 24.30 -3.22
N PHE A 248 3.27 24.59 -2.50
CA PHE A 248 4.65 24.66 -3.03
C PHE A 248 5.47 23.70 -2.25
N PHE A 249 6.22 22.81 -2.93
CA PHE A 249 7.01 21.73 -2.30
C PHE A 249 8.50 21.94 -2.40
N ASP A 250 9.24 21.54 -1.35
CA ASP A 250 10.70 21.62 -1.17
C ASP A 250 11.40 22.85 -1.74
N ALA A 258 4.16 35.46 9.28
CA ALA A 258 3.28 36.62 9.08
C ALA A 258 1.92 36.22 8.49
N PRO A 259 0.84 36.99 8.73
CA PRO A 259 -0.46 36.62 8.12
C PRO A 259 -0.40 36.60 6.59
N VAL A 260 -1.19 35.70 5.98
CA VAL A 260 -1.27 35.63 4.53
C VAL A 260 -2.33 36.66 4.11
N THR A 261 -2.06 37.39 3.03
CA THR A 261 -2.95 38.46 2.54
C THR A 261 -3.56 38.09 1.19
N GLU A 262 -4.54 38.85 0.73
CA GLU A 262 -5.16 38.55 -0.56
C GLU A 262 -4.11 38.62 -1.65
N GLU A 263 -3.20 39.58 -1.52
CA GLU A 263 -2.13 39.78 -2.51
C GLU A 263 -1.22 38.52 -2.60
N ASP A 264 -0.97 37.84 -1.47
CA ASP A 264 -0.19 36.61 -1.44
C ASP A 264 -0.92 35.57 -2.28
N VAL A 265 -2.17 35.25 -1.90
CA VAL A 265 -3.02 34.30 -2.62
C VAL A 265 -3.11 34.67 -4.12
N ARG A 266 -3.32 35.94 -4.47
CA ARG A 266 -3.35 36.35 -5.89
C ARG A 266 -2.03 36.15 -6.66
N ALA A 267 -0.92 36.55 -6.05
CA ALA A 267 0.43 36.28 -6.55
C ALA A 267 0.65 34.77 -6.77
N ALA A 268 0.31 33.95 -5.78
CA ALA A 268 0.48 32.50 -5.83
C ALA A 268 -0.41 31.86 -6.91
N LEU A 269 -1.67 32.33 -7.03
CA LEU A 269 -2.67 31.86 -8.00
C LEU A 269 -2.17 32.21 -9.43
N THR A 270 -1.72 33.46 -9.64
CA THR A 270 -1.18 33.93 -10.90
C THR A 270 0.10 33.16 -11.25
N GLU A 271 1.04 33.00 -10.29
CA GLU A 271 2.31 32.29 -10.51
C GLU A 271 2.20 30.79 -10.84
N VAL A 272 1.10 30.13 -10.45
CA VAL A 272 0.91 28.69 -10.71
C VAL A 272 -0.17 28.41 -11.78
N ALA A 273 -1.35 29.04 -11.66
CA ALA A 273 -2.48 28.88 -12.60
C ALA A 273 -2.45 29.87 -13.76
N GLY A 274 -1.62 30.89 -13.65
CA GLY A 274 -1.42 31.87 -14.70
C GLY A 274 -2.48 32.96 -14.74
N SER A 275 -3.46 32.87 -13.83
CA SER A 275 -4.50 33.88 -13.77
C SER A 275 -4.95 34.20 -12.36
N ASP A 276 -5.30 35.47 -12.13
CA ASP A 276 -5.91 35.89 -10.88
C ASP A 276 -7.28 35.22 -10.71
N PHE A 277 -8.02 35.13 -11.80
CA PHE A 277 -9.35 34.54 -11.81
C PHE A 277 -10.40 35.48 -11.23
N GLY A 278 -10.03 36.75 -11.08
CA GLY A 278 -10.94 37.77 -10.60
C GLY A 278 -11.54 37.45 -9.24
N MET A 279 -10.71 36.93 -8.34
CA MET A 279 -11.19 36.55 -7.02
C MET A 279 -11.66 37.77 -6.25
N HIS A 280 -12.80 37.61 -5.57
CA HIS A 280 -13.40 38.64 -4.75
C HIS A 280 -14.11 38.00 -3.58
N ASP A 281 -14.43 38.83 -2.58
CA ASP A 281 -14.99 38.45 -1.28
C ASP A 281 -14.45 37.16 -0.70
N VAL A 282 -13.23 37.30 -0.18
CA VAL A 282 -12.53 36.21 0.48
C VAL A 282 -13.08 36.20 1.88
N ARG A 283 -13.57 35.02 2.29
CA ARG A 283 -14.20 34.74 3.59
C ARG A 283 -13.14 34.33 4.59
N TRP A 284 -12.01 33.83 4.11
CA TRP A 284 -10.92 33.33 4.93
C TRP A 284 -9.66 33.16 4.09
N LEU A 285 -8.53 33.48 4.70
CA LEU A 285 -7.21 33.35 4.12
C LEU A 285 -6.37 32.68 5.19
N SER A 286 -5.45 31.81 4.83
CA SER A 286 -4.62 31.18 5.84
C SER A 286 -3.51 30.38 5.22
N ARG A 287 -2.52 30.00 6.03
CA ARG A 287 -1.45 29.12 5.55
C ARG A 287 -1.76 27.71 5.95
N LEU A 288 -0.96 26.79 5.43
CA LEU A 288 -1.04 25.36 5.66
C LEU A 288 0.37 24.81 5.40
N THR A 289 0.78 23.81 6.21
CA THR A 289 2.07 23.14 6.07
C THR A 289 1.87 21.64 6.32
N ASP A 290 2.91 20.83 6.03
CA ASP A 290 2.86 19.43 6.35
C ASP A 290 3.64 19.09 7.65
N THR A 291 3.76 20.06 8.60
CA THR A 291 4.42 19.83 9.90
C THR A 291 3.65 18.70 10.60
N SER A 292 4.41 17.76 11.18
CA SER A 292 3.84 16.54 11.74
C SER A 292 4.43 16.29 13.14
N ARG A 293 3.71 16.71 14.21
CA ARG A 293 4.22 16.55 15.60
C ARG A 293 3.21 15.97 16.55
N GLN A 294 3.71 15.17 17.50
CA GLN A 294 2.91 14.54 18.55
C GLN A 294 3.58 14.76 19.89
N ALA A 295 2.79 15.05 20.94
CA ALA A 295 3.27 15.26 22.32
C ALA A 295 3.86 13.98 22.84
N GLU A 296 5.05 14.04 23.44
CA GLU A 296 5.74 12.89 24.00
C GLU A 296 4.84 12.09 25.00
N ARG A 297 3.97 12.80 25.74
CA ARG A 297 2.97 12.23 26.67
C ARG A 297 1.72 13.10 26.71
N TYR A 298 0.58 12.50 27.08
CA TYR A 298 -0.72 13.20 27.12
C TYR A 298 -1.10 13.60 28.52
N ARG A 299 -0.24 13.27 29.51
CA ARG A 299 -0.47 13.52 30.95
C ARG A 299 0.82 13.84 31.67
N ASP A 300 0.76 14.79 32.61
CA ASP A 300 1.85 15.21 33.48
C ASP A 300 1.24 15.60 34.80
N GLY A 301 1.06 14.58 35.66
CA GLY A 301 0.44 14.73 36.97
C GLY A 301 -1.06 14.90 36.84
N ARG A 302 -1.54 16.10 37.19
CA ARG A 302 -2.96 16.44 37.16
C ARG A 302 -3.38 17.24 35.95
N VAL A 303 -2.48 17.35 34.95
CA VAL A 303 -2.71 18.11 33.73
C VAL A 303 -2.68 17.18 32.53
N LEU A 304 -3.67 17.32 31.63
CA LEU A 304 -3.79 16.47 30.43
C LEU A 304 -3.89 17.27 29.14
N LEU A 305 -3.58 16.64 28.01
CA LEU A 305 -3.69 17.28 26.70
C LEU A 305 -4.70 16.48 25.85
N ALA A 306 -5.42 17.18 24.97
CA ALA A 306 -6.38 16.56 24.05
C ALA A 306 -6.51 17.44 22.77
N GLY A 307 -6.82 16.80 21.64
CA GLY A 307 -6.98 17.48 20.35
C GLY A 307 -5.68 17.98 19.76
N ASP A 308 -5.72 19.11 19.04
CA ASP A 308 -4.50 19.69 18.43
C ASP A 308 -3.36 19.95 19.38
N ALA A 309 -3.66 20.08 20.71
CA ALA A 309 -2.67 20.30 21.77
C ALA A 309 -1.68 19.15 21.83
N CYS A 310 -2.12 17.92 21.48
CA CYS A 310 -1.16 16.84 21.46
C CYS A 310 -0.83 16.21 20.11
N HIS A 311 -1.34 16.79 19.00
CA HIS A 311 -1.04 16.27 17.64
C HIS A 311 -1.39 17.22 16.49
N ILE A 312 -0.39 17.59 15.71
CA ILE A 312 -0.58 18.38 14.51
C ILE A 312 -0.04 17.57 13.35
N HIS A 313 -0.67 17.71 12.20
CA HIS A 313 -0.33 16.97 10.98
C HIS A 313 -0.89 17.71 9.79
N LEU A 314 -0.49 17.30 8.58
CA LEU A 314 -1.02 17.86 7.36
C LEU A 314 -2.53 17.55 7.31
N PRO A 315 -3.37 18.58 7.08
CA PRO A 315 -4.82 18.33 6.96
C PRO A 315 -5.12 17.67 5.62
N ALA A 316 -5.15 16.34 5.63
CA ALA A 316 -5.34 15.48 4.46
C ALA A 316 -6.26 14.32 4.84
N GLY A 317 -7.41 14.25 4.18
CA GLY A 317 -8.41 13.24 4.45
C GLY A 317 -9.42 13.69 5.51
N GLY A 318 -9.25 14.90 6.03
CA GLY A 318 -10.11 15.52 7.05
C GLY A 318 -10.21 14.69 8.31
N GLN A 319 -9.14 14.64 9.11
CA GLN A 319 -9.02 13.75 10.28
C GLN A 319 -8.86 14.39 11.67
N GLY A 320 -8.29 15.60 11.74
CA GLY A 320 -7.97 16.30 12.98
C GLY A 320 -9.09 16.55 13.96
N LEU A 321 -10.18 17.18 13.49
CA LEU A 321 -11.35 17.46 14.32
C LEU A 321 -11.87 16.14 14.87
N ASN A 322 -12.00 15.10 14.00
CA ASN A 322 -12.50 13.78 14.40
C ASN A 322 -11.59 13.11 15.44
N LEU A 323 -10.26 13.31 15.29
CA LEU A 323 -9.26 12.71 16.16
C LEU A 323 -9.37 13.36 17.54
N GLY A 324 -9.53 14.68 17.54
CA GLY A 324 -9.68 15.49 18.75
C GLY A 324 -10.99 15.25 19.45
N PHE A 325 -12.05 15.11 18.68
CA PHE A 325 -13.37 14.84 19.21
C PHE A 325 -13.33 13.47 19.92
N GLN A 326 -12.66 12.48 19.30
CA GLN A 326 -12.56 11.12 19.83
C GLN A 326 -11.64 11.00 21.03
N ASP A 327 -10.67 11.92 21.17
CA ASP A 327 -9.77 12.02 22.31
C ASP A 327 -10.64 12.44 23.52
N ALA A 328 -11.54 13.41 23.30
CA ALA A 328 -12.46 13.94 24.30
C ALA A 328 -13.44 12.88 24.81
N VAL A 329 -14.03 12.11 23.89
CA VAL A 329 -14.96 11.04 24.25
C VAL A 329 -14.27 9.95 25.08
N ASN A 330 -13.01 9.60 24.72
CA ASN A 330 -12.20 8.64 25.48
C ASN A 330 -11.84 9.19 26.89
N LEU A 331 -11.34 10.45 26.98
CA LEU A 331 -10.92 11.10 28.23
C LEU A 331 -12.08 11.44 29.22
N GLY A 332 -13.15 12.03 28.69
CA GLY A 332 -14.29 12.53 29.46
C GLY A 332 -14.85 11.63 30.56
N TRP A 333 -15.20 10.37 30.20
CA TRP A 333 -15.80 9.45 31.17
C TRP A 333 -14.76 8.93 32.20
N LYS A 334 -13.52 8.69 31.75
CA LYS A 334 -12.41 8.22 32.60
C LYS A 334 -12.04 9.29 33.63
N LEU A 335 -11.97 10.58 33.19
CA LEU A 335 -11.64 11.67 34.08
C LEU A 335 -12.77 11.98 35.06
N GLY A 336 -14.01 11.90 34.57
CA GLY A 336 -15.21 12.12 35.38
C GLY A 336 -15.33 11.13 36.51
N ALA A 337 -15.03 9.84 36.22
CA ALA A 337 -15.03 8.74 37.19
C ALA A 337 -13.88 8.90 38.20
N THR A 338 -12.71 9.37 37.73
CA THR A 338 -11.57 9.64 38.61
C THR A 338 -11.95 10.72 39.64
N ILE A 339 -12.54 11.85 39.18
CA ILE A 339 -12.95 12.93 40.10
C ILE A 339 -14.05 12.47 41.07
N ALA A 340 -14.99 11.62 40.58
CA ALA A 340 -16.06 11.01 41.38
C ALA A 340 -15.49 10.05 42.43
N GLY A 341 -14.25 9.59 42.21
CA GLY A 341 -13.51 8.70 43.11
C GLY A 341 -14.00 7.26 43.07
N THR A 342 -14.67 6.88 41.98
CA THR A 342 -15.26 5.56 41.76
C THR A 342 -14.38 4.71 40.80
N ALA A 343 -13.47 5.37 40.09
CA ALA A 343 -12.61 4.75 39.09
C ALA A 343 -11.45 3.99 39.67
N PRO A 344 -10.99 2.89 39.02
CA PRO A 344 -9.73 2.27 39.48
C PRO A 344 -8.58 3.27 39.21
N PRO A 345 -7.51 3.34 40.03
CA PRO A 345 -6.47 4.38 39.82
C PRO A 345 -5.72 4.34 38.49
N GLU A 346 -5.66 3.17 37.86
CA GLU A 346 -4.97 2.97 36.61
C GLU A 346 -5.78 3.32 35.35
N LEU A 347 -7.05 3.76 35.53
CA LEU A 347 -7.98 4.13 34.44
C LEU A 347 -7.59 5.37 33.64
N LEU A 348 -7.26 6.46 34.32
CA LEU A 348 -6.86 7.72 33.67
C LEU A 348 -5.63 7.51 32.78
N ASP A 349 -4.69 6.63 33.19
CA ASP A 349 -3.50 6.26 32.41
C ASP A 349 -3.84 5.57 31.08
N THR A 350 -5.01 4.87 30.98
CA THR A 350 -5.43 4.20 29.75
C THR A 350 -5.77 5.20 28.66
N TYR A 351 -5.99 6.49 29.01
CA TYR A 351 -6.31 7.52 28.02
C TYR A 351 -5.10 7.71 27.07
N GLU A 352 -3.88 7.92 27.61
CA GLU A 352 -2.70 8.09 26.78
C GLU A 352 -2.38 6.77 26.05
N ALA A 353 -2.48 5.63 26.75
CA ALA A 353 -2.18 4.30 26.21
C ALA A 353 -3.07 3.97 25.02
N GLU A 354 -4.33 4.39 25.05
CA GLU A 354 -5.27 4.11 23.96
C GLU A 354 -5.19 5.16 22.87
N ARG A 355 -5.09 6.42 23.24
CA ARG A 355 -5.12 7.51 22.25
C ARG A 355 -3.84 7.79 21.47
N ARG A 356 -2.65 7.73 22.11
CA ARG A 356 -1.35 7.92 21.41
C ARG A 356 -1.25 7.10 20.10
N PRO A 357 -1.43 5.73 20.09
CA PRO A 357 -1.37 4.99 18.81
C PRO A 357 -2.37 5.46 17.75
N ILE A 358 -3.58 5.89 18.16
CA ILE A 358 -4.56 6.38 17.19
C ILE A 358 -4.08 7.66 16.51
N ALA A 359 -3.60 8.65 17.28
CA ALA A 359 -3.03 9.87 16.71
C ALA A 359 -1.82 9.49 15.89
N ALA A 360 -0.97 8.53 16.37
CA ALA A 360 0.23 8.07 15.64
C ALA A 360 -0.11 7.59 14.24
N GLY A 361 -1.24 6.86 14.10
CA GLY A 361 -1.77 6.37 12.84
C GLY A 361 -2.21 7.49 11.92
N VAL A 362 -2.81 8.59 12.44
CA VAL A 362 -3.24 9.75 11.61
C VAL A 362 -1.97 10.43 11.01
N LEU A 363 -0.93 10.65 11.86
CA LEU A 363 0.36 11.25 11.48
C LEU A 363 1.05 10.39 10.44
N ARG A 364 0.99 9.06 10.60
CA ARG A 364 1.59 8.12 9.68
C ARG A 364 0.95 8.23 8.29
N ASN A 365 -0.38 8.12 8.20
CA ASN A 365 -1.08 8.19 6.91
C ASN A 365 -1.00 9.57 6.26
N THR A 366 -1.01 10.63 7.06
CA THR A 366 -0.86 12.00 6.54
C THR A 366 0.55 12.26 6.07
N ARG A 367 1.56 11.73 6.78
CA ARG A 367 2.98 11.85 6.34
C ARG A 367 3.18 11.13 4.98
N ALA A 368 2.46 9.99 4.78
CA ALA A 368 2.45 9.23 3.55
C ALA A 368 1.78 10.07 2.48
N GLN A 369 0.57 10.63 2.74
CA GLN A 369 -0.15 11.51 1.79
C GLN A 369 0.66 12.74 1.37
N ALA A 370 1.45 13.31 2.26
CA ALA A 370 2.27 14.50 2.01
C ALA A 370 3.29 14.28 0.92
N VAL A 371 3.84 13.05 0.83
CA VAL A 371 4.78 12.68 -0.22
C VAL A 371 3.99 12.47 -1.54
N LEU A 372 2.89 11.74 -1.45
CA LEU A 372 2.01 11.36 -2.53
C LEU A 372 1.43 12.58 -3.32
N ILE A 373 1.22 13.70 -2.62
CA ILE A 373 0.69 14.91 -3.24
C ILE A 373 1.78 15.82 -3.81
N ASP A 374 3.07 15.50 -3.53
CA ASP A 374 4.21 16.25 -4.02
C ASP A 374 4.33 15.91 -5.52
N PRO A 375 4.12 16.90 -6.45
CA PRO A 375 4.13 16.59 -7.91
C PRO A 375 5.47 16.27 -8.52
N ASP A 376 6.52 16.15 -7.71
CA ASP A 376 7.86 15.78 -8.16
C ASP A 376 7.74 14.43 -8.94
N PRO A 377 8.12 14.38 -10.25
CA PRO A 377 7.98 13.13 -11.02
C PRO A 377 8.62 11.90 -10.37
N ARG A 378 9.50 12.11 -9.36
CA ARG A 378 10.15 11.05 -8.57
C ARG A 378 9.10 10.16 -7.85
N TYR A 379 7.94 10.74 -7.51
CA TYR A 379 6.89 10.03 -6.79
C TYR A 379 5.82 9.39 -7.69
N GLU A 380 6.09 9.32 -9.00
CA GLU A 380 5.17 8.74 -9.98
C GLU A 380 4.90 7.24 -9.78
N GLY A 381 5.95 6.42 -9.62
CA GLY A 381 5.81 4.99 -9.40
C GLY A 381 5.00 4.73 -8.16
N LEU A 382 5.34 5.48 -7.12
CA LEU A 382 4.69 5.49 -5.82
C LEU A 382 3.20 5.88 -5.96
N ARG A 383 2.88 6.96 -6.69
CA ARG A 383 1.49 7.35 -6.90
C ARG A 383 0.71 6.25 -7.63
N GLU A 384 1.31 5.72 -8.71
CA GLU A 384 0.74 4.68 -9.55
C GLU A 384 0.55 3.36 -8.80
N LEU A 385 1.52 2.97 -7.96
CA LEU A 385 1.37 1.77 -7.12
C LEU A 385 0.29 1.94 -6.06
N MET A 386 0.14 3.15 -5.49
CA MET A 386 -0.90 3.46 -4.52
C MET A 386 -2.29 3.37 -5.17
N ILE A 387 -2.48 3.96 -6.39
CA ILE A 387 -3.75 3.87 -7.10
C ILE A 387 -4.15 2.38 -7.30
N GLU A 388 -3.20 1.54 -7.74
CA GLU A 388 -3.40 0.10 -7.92
C GLU A 388 -3.84 -0.58 -6.61
N LEU A 389 -3.10 -0.32 -5.49
CA LEU A 389 -3.43 -0.87 -4.18
C LEU A 389 -4.81 -0.42 -3.71
N LEU A 390 -5.16 0.85 -3.98
CA LEU A 390 -6.48 1.40 -3.63
C LEU A 390 -7.62 0.69 -4.34
N HIS A 391 -7.34 0.04 -5.51
CA HIS A 391 -8.30 -0.77 -6.26
C HIS A 391 -8.45 -2.18 -5.69
N VAL A 392 -7.61 -2.56 -4.73
CA VAL A 392 -7.73 -3.85 -4.06
C VAL A 392 -8.75 -3.61 -2.92
N PRO A 393 -9.91 -4.31 -2.95
CA PRO A 393 -10.97 -4.04 -1.96
C PRO A 393 -10.55 -3.94 -0.49
N GLU A 394 -9.80 -4.93 0.01
CA GLU A 394 -9.35 -4.95 1.39
C GLU A 394 -8.37 -3.86 1.73
N THR A 395 -7.55 -3.45 0.75
CA THR A 395 -6.65 -2.32 0.93
C THR A 395 -7.51 -1.07 1.04
N ASN A 396 -8.50 -0.91 0.13
CA ASN A 396 -9.42 0.24 0.18
C ASN A 396 -10.11 0.30 1.57
N ARG A 397 -10.66 -0.87 2.04
CA ARG A 397 -11.31 -0.97 3.35
C ARG A 397 -10.39 -0.65 4.53
N TYR A 398 -9.13 -1.13 4.51
CA TYR A 398 -8.17 -0.82 5.56
C TYR A 398 -7.97 0.70 5.71
N LEU A 399 -7.74 1.42 4.60
CA LEU A 399 -7.56 2.86 4.69
C LEU A 399 -8.86 3.60 5.03
N ALA A 400 -10.00 3.10 4.53
CA ALA A 400 -11.31 3.71 4.83
C ALA A 400 -11.65 3.60 6.31
N GLY A 401 -11.25 2.49 6.93
CA GLY A 401 -11.49 2.23 8.34
C GLY A 401 -10.62 3.10 9.23
N LEU A 402 -9.42 3.43 8.75
CA LEU A 402 -8.45 4.30 9.40
C LEU A 402 -9.01 5.71 9.43
N ILE A 403 -9.21 6.28 8.25
CA ILE A 403 -9.72 7.63 8.05
C ILE A 403 -11.09 7.91 8.70
N SER A 404 -12.06 7.00 8.54
CA SER A 404 -13.38 7.14 9.12
C SER A 404 -13.37 6.87 10.60
N ALA A 405 -12.29 6.22 11.12
CA ALA A 405 -12.10 5.74 12.50
C ALA A 405 -13.11 4.63 12.84
N LEU A 406 -13.71 3.99 11.84
CA LEU A 406 -14.66 2.90 12.12
C LEU A 406 -13.96 1.63 12.58
N ASP A 407 -12.65 1.53 12.34
CA ASP A 407 -11.84 0.36 12.67
C ASP A 407 -10.95 0.49 13.89
N VAL A 408 -11.05 1.59 14.67
CA VAL A 408 -10.23 1.74 15.87
C VAL A 408 -10.38 0.57 16.83
N ARG A 409 -9.25 -0.04 17.17
CA ARG A 409 -9.21 -1.18 18.07
C ARG A 409 -8.23 -0.88 19.18
N TYR A 410 -8.71 -0.85 20.42
CA TYR A 410 -7.88 -0.69 21.60
C TYR A 410 -7.45 -2.08 22.13
N PRO A 411 -6.22 -2.24 22.68
CA PRO A 411 -5.86 -3.54 23.27
C PRO A 411 -6.80 -3.88 24.44
N MET A 412 -7.38 -5.09 24.38
CA MET A 412 -8.38 -5.52 25.36
C MET A 412 -8.29 -7.03 25.62
N ALA A 413 -8.29 -7.38 26.92
CA ALA A 413 -8.24 -8.72 27.54
C ALA A 413 -9.26 -9.70 26.93
N GLY A 414 -8.76 -10.74 26.26
CA GLY A 414 -9.61 -11.72 25.61
C GLY A 414 -9.25 -12.03 24.18
N GLU A 415 -9.98 -12.99 23.57
CA GLU A 415 -9.71 -13.44 22.20
C GLU A 415 -10.82 -13.08 21.21
N HIS A 416 -12.09 -12.90 21.68
CA HIS A 416 -13.21 -12.59 20.81
C HIS A 416 -12.91 -11.38 19.94
N PRO A 417 -13.16 -11.46 18.62
CA PRO A 417 -12.80 -10.34 17.73
C PRO A 417 -13.39 -8.99 18.09
N LEU A 418 -14.62 -8.93 18.60
CA LEU A 418 -15.31 -7.69 18.92
C LEU A 418 -14.66 -6.81 20.02
N LEU A 419 -13.79 -7.40 20.86
CA LEU A 419 -13.12 -6.71 21.98
C LEU A 419 -12.27 -5.52 21.55
N GLY A 420 -12.34 -4.41 22.29
CA GLY A 420 -11.64 -3.14 21.97
C GLY A 420 -12.22 -2.43 20.75
N ARG A 421 -13.29 -3.00 20.18
CA ARG A 421 -13.94 -2.42 19.02
C ARG A 421 -15.24 -1.76 19.41
N ARG A 422 -15.73 -0.91 18.53
CA ARG A 422 -16.99 -0.21 18.75
C ARG A 422 -18.18 -1.17 18.74
N VAL A 423 -19.26 -0.82 19.44
CA VAL A 423 -20.48 -1.63 19.27
C VAL A 423 -21.18 -1.06 18.06
N PRO A 424 -21.70 -1.90 17.15
CA PRO A 424 -22.55 -1.34 16.07
C PRO A 424 -23.87 -0.86 16.71
N ASP A 425 -24.54 0.10 16.06
CA ASP A 425 -25.83 0.60 16.53
C ASP A 425 -26.87 -0.47 16.15
N LEU A 426 -27.00 -1.47 17.01
CA LEU A 426 -27.87 -2.63 16.77
C LEU A 426 -29.36 -2.30 16.90
N PRO A 427 -30.23 -2.77 15.97
CA PRO A 427 -31.68 -2.64 16.20
C PRO A 427 -32.06 -3.71 17.25
N LEU A 428 -32.48 -3.31 18.46
CA LEU A 428 -32.77 -4.31 19.48
C LEU A 428 -34.23 -4.60 19.52
N VAL A 429 -34.60 -5.86 19.73
CA VAL A 429 -36.00 -6.23 19.95
C VAL A 429 -36.25 -6.36 21.47
N THR A 430 -37.32 -5.70 21.95
CA THR A 430 -37.80 -5.62 23.34
C THR A 430 -39.35 -5.51 23.31
N GLU A 431 -39.98 -5.39 24.51
CA GLU A 431 -41.43 -5.12 24.62
C GLU A 431 -41.55 -3.64 24.28
N ASP A 432 -42.69 -3.23 23.68
CA ASP A 432 -42.89 -1.86 23.17
C ASP A 432 -42.04 -1.57 21.92
N GLY A 433 -41.66 -2.66 21.26
CA GLY A 433 -40.96 -2.69 19.98
C GLY A 433 -39.45 -2.65 19.96
N THR A 434 -38.96 -2.27 18.78
CA THR A 434 -37.55 -2.18 18.50
C THR A 434 -36.98 -0.82 18.83
N ARG A 435 -35.81 -0.85 19.47
CA ARG A 435 -35.08 0.32 19.94
C ARG A 435 -33.60 0.20 19.53
N GLN A 436 -33.01 1.30 19.03
CA GLN A 436 -31.62 1.31 18.61
C GLN A 436 -30.73 1.32 19.83
N LEU A 437 -29.66 0.53 19.79
CA LEU A 437 -28.69 0.42 20.89
C LEU A 437 -28.08 1.81 21.30
N SER A 438 -27.91 2.76 20.36
CA SER A 438 -27.35 4.10 20.62
C SER A 438 -28.20 5.00 21.54
N THR A 439 -29.53 4.73 21.63
CA THR A 439 -30.42 5.52 22.48
C THR A 439 -30.24 5.21 23.98
N TYR A 440 -29.48 4.13 24.30
CA TYR A 440 -29.18 3.71 25.68
C TYR A 440 -27.88 4.34 26.19
N PHE A 441 -27.20 5.16 25.36
CA PHE A 441 -25.93 5.78 25.74
C PHE A 441 -25.99 7.28 25.98
N HIS A 442 -27.19 7.89 26.04
CA HIS A 442 -27.31 9.34 26.26
C HIS A 442 -26.68 9.85 27.54
N ALA A 443 -26.77 9.07 28.64
CA ALA A 443 -26.21 9.45 29.95
C ALA A 443 -24.70 9.19 30.10
N ALA A 444 -24.05 8.54 29.12
CA ALA A 444 -22.62 8.24 29.15
C ALA A 444 -22.24 7.32 30.34
N ARG A 445 -23.12 6.34 30.61
CA ARG A 445 -22.88 5.30 31.60
C ARG A 445 -22.49 4.09 30.76
N GLY A 446 -21.93 3.08 31.40
CA GLY A 446 -21.63 1.84 30.70
C GLY A 446 -22.92 1.05 30.47
N VAL A 447 -22.92 0.16 29.48
CA VAL A 447 -24.09 -0.64 29.22
C VAL A 447 -23.78 -2.09 29.13
N LEU A 448 -24.52 -2.88 29.90
CA LEU A 448 -24.40 -4.31 29.90
C LEU A 448 -25.59 -4.80 29.11
N LEU A 449 -25.33 -5.19 27.86
CA LEU A 449 -26.36 -5.65 26.95
C LEU A 449 -26.50 -7.17 26.96
N THR A 450 -27.66 -7.66 27.43
CA THR A 450 -27.98 -9.10 27.46
C THR A 450 -28.90 -9.49 26.32
N LEU A 451 -28.66 -10.68 25.78
CA LEU A 451 -29.42 -11.25 24.67
C LEU A 451 -30.03 -12.60 25.10
N GLY A 452 -31.17 -12.56 25.79
CA GLY A 452 -31.82 -13.78 26.25
C GLY A 452 -32.20 -13.92 27.70
N CYS A 453 -33.09 -14.90 27.95
CA CYS A 453 -33.73 -15.34 29.20
C CYS A 453 -32.75 -15.59 30.37
N ASP A 454 -31.42 -15.56 30.12
CA ASP A 454 -30.42 -15.79 31.15
C ASP A 454 -30.19 -14.54 31.98
N GLN A 455 -30.57 -14.60 33.28
CA GLN A 455 -30.43 -13.50 34.21
C GLN A 455 -29.52 -13.70 35.45
N PRO A 456 -28.49 -14.59 35.47
CA PRO A 456 -27.56 -14.56 36.61
C PRO A 456 -26.54 -13.41 36.43
N LEU A 457 -26.52 -12.78 35.21
CA LEU A 457 -25.68 -11.66 34.80
C LEU A 457 -26.13 -10.39 35.47
N ALA A 458 -27.45 -10.14 35.54
CA ALA A 458 -28.01 -8.93 36.16
C ALA A 458 -27.66 -8.85 37.65
N ASP A 459 -27.75 -9.98 38.39
CA ASP A 459 -27.40 -10.05 39.80
C ASP A 459 -25.90 -9.85 40.03
N GLU A 460 -25.04 -10.42 39.17
CA GLU A 460 -23.58 -10.30 39.28
C GLU A 460 -23.03 -8.90 38.99
N ALA A 461 -23.79 -8.11 38.23
CA ALA A 461 -23.47 -6.74 37.84
C ALA A 461 -24.24 -5.69 38.66
N ALA A 462 -25.16 -6.13 39.54
CA ALA A 462 -26.00 -5.28 40.40
C ALA A 462 -25.19 -4.31 41.28
N ALA A 463 -24.01 -4.73 41.79
CA ALA A 463 -23.13 -3.87 42.58
C ALA A 463 -22.56 -2.67 41.77
N TRP A 464 -22.66 -2.70 40.41
CA TRP A 464 -22.20 -1.63 39.52
C TRP A 464 -23.37 -0.88 38.83
N LYS A 465 -24.63 -1.11 39.29
CA LYS A 465 -25.89 -0.53 38.78
C LYS A 465 -25.85 0.98 38.69
N ASP A 466 -25.09 1.61 39.58
CA ASP A 466 -24.90 3.06 39.63
C ASP A 466 -23.98 3.60 38.51
N ARG A 467 -23.15 2.72 37.93
CA ARG A 467 -22.24 3.13 36.86
C ARG A 467 -22.61 2.52 35.53
N VAL A 468 -23.31 1.37 35.58
CA VAL A 468 -23.69 0.62 34.37
C VAL A 468 -25.17 0.25 34.31
N ASP A 469 -25.77 0.44 33.14
CA ASP A 469 -27.16 0.13 32.89
C ASP A 469 -27.28 -1.21 32.22
N LEU A 470 -28.24 -2.02 32.69
CA LEU A 470 -28.52 -3.30 32.08
C LEU A 470 -29.57 -3.04 31.00
N VAL A 471 -29.26 -3.39 29.76
CA VAL A 471 -30.17 -3.27 28.63
C VAL A 471 -30.50 -4.71 28.29
N ALA A 472 -31.67 -5.17 28.72
CA ALA A 472 -32.13 -6.55 28.49
C ALA A 472 -33.03 -6.62 27.24
N ALA A 473 -32.44 -7.12 26.14
CA ALA A 473 -33.11 -7.33 24.86
C ALA A 473 -33.46 -8.81 24.63
N GLU A 474 -34.61 -9.04 23.96
CA GLU A 474 -35.06 -10.38 23.56
C GLU A 474 -34.06 -10.91 22.49
N GLY A 475 -33.52 -10.00 21.69
CA GLY A 475 -32.58 -10.30 20.63
C GLY A 475 -32.29 -9.09 19.75
N VAL A 476 -31.56 -9.34 18.65
CA VAL A 476 -31.21 -8.34 17.65
C VAL A 476 -32.26 -8.46 16.54
N ALA A 477 -32.75 -7.31 16.05
CA ALA A 477 -33.75 -7.28 15.00
C ALA A 477 -33.20 -7.69 13.63
N ASP A 478 -31.86 -7.80 13.50
CA ASP A 478 -31.20 -8.21 12.26
C ASP A 478 -30.31 -9.48 12.44
N PRO A 479 -30.48 -10.54 11.61
CA PRO A 479 -29.70 -11.77 11.83
C PRO A 479 -28.21 -11.68 11.44
N GLY A 480 -27.88 -10.76 10.55
CA GLY A 480 -26.51 -10.55 10.09
C GLY A 480 -25.46 -10.26 11.16
N SER A 481 -25.78 -9.32 12.10
CA SER A 481 -25.02 -8.81 13.26
C SER A 481 -23.74 -9.51 13.72
N ALA A 482 -22.68 -8.69 13.96
CA ALA A 482 -21.36 -9.11 14.48
C ALA A 482 -21.46 -9.72 15.89
N VAL A 483 -22.59 -9.45 16.55
CA VAL A 483 -22.99 -9.83 17.90
C VAL A 483 -23.73 -11.21 17.97
N ASP A 484 -24.22 -11.71 16.83
CA ASP A 484 -25.03 -12.93 16.75
C ASP A 484 -24.70 -14.17 17.66
N GLY A 485 -23.44 -14.60 17.71
CA GLY A 485 -23.05 -15.75 18.56
C GLY A 485 -23.04 -15.49 20.06
N LEU A 486 -23.16 -14.21 20.44
CA LEU A 486 -23.09 -13.75 21.82
C LEU A 486 -24.43 -13.71 22.55
N THR A 487 -24.34 -13.77 23.87
CA THR A 487 -25.48 -13.69 24.78
C THR A 487 -25.39 -12.41 25.62
N ALA A 488 -24.18 -11.80 25.71
CA ALA A 488 -23.92 -10.62 26.50
C ALA A 488 -22.67 -9.83 26.04
N LEU A 489 -22.70 -8.50 26.24
CA LEU A 489 -21.62 -7.53 25.95
C LEU A 489 -21.56 -6.48 27.05
N LEU A 490 -20.37 -6.08 27.43
CA LEU A 490 -20.19 -5.00 28.37
C LEU A 490 -19.53 -3.93 27.55
N VAL A 491 -20.21 -2.78 27.48
CA VAL A 491 -19.79 -1.65 26.68
C VAL A 491 -19.42 -0.48 27.58
N ARG A 492 -18.25 0.13 27.27
CA ARG A 492 -17.74 1.31 27.95
C ARG A 492 -18.60 2.54 27.57
N PRO A 493 -18.59 3.65 28.34
CA PRO A 493 -19.38 4.83 27.94
C PRO A 493 -19.05 5.41 26.57
N ASP A 494 -17.85 5.11 26.02
CA ASP A 494 -17.42 5.56 24.69
C ASP A 494 -17.85 4.66 23.55
N GLY A 495 -18.60 3.60 23.84
CA GLY A 495 -19.09 2.68 22.83
C GLY A 495 -18.12 1.57 22.49
N TYR A 496 -17.05 1.41 23.27
CA TYR A 496 -16.07 0.37 23.03
C TYR A 496 -16.33 -0.83 23.88
N ILE A 497 -16.39 -2.00 23.24
CA ILE A 497 -16.65 -3.22 23.97
C ILE A 497 -15.42 -3.70 24.80
N CYS A 498 -15.67 -4.09 26.07
CA CYS A 498 -14.62 -4.54 26.98
C CYS A 498 -14.82 -5.95 27.51
N TRP A 499 -15.93 -6.61 27.15
CA TRP A 499 -16.23 -7.96 27.62
C TRP A 499 -17.36 -8.54 26.80
N THR A 500 -17.28 -9.84 26.49
CA THR A 500 -18.31 -10.57 25.75
C THR A 500 -18.53 -11.92 26.35
N ALA A 501 -19.75 -12.40 26.22
CA ALA A 501 -20.14 -13.71 26.71
C ALA A 501 -20.87 -14.41 25.56
N ALA A 502 -20.51 -15.69 25.37
CA ALA A 502 -21.14 -16.59 24.43
C ALA A 502 -21.79 -17.65 25.36
N PRO A 503 -22.75 -18.49 24.87
CA PRO A 503 -23.38 -19.45 25.78
C PRO A 503 -22.37 -20.35 26.54
N GLU A 504 -21.34 -20.84 25.83
CA GLU A 504 -20.27 -21.68 26.39
C GLU A 504 -19.50 -20.98 27.50
N THR A 505 -19.05 -19.74 27.26
CA THR A 505 -18.22 -18.95 28.19
C THR A 505 -18.85 -18.73 29.55
N GLY A 506 -20.04 -18.13 29.56
CA GLY A 506 -20.86 -17.87 30.75
C GLY A 506 -20.24 -17.14 31.92
N THR A 507 -20.62 -15.85 32.08
CA THR A 507 -20.26 -14.96 33.20
C THR A 507 -18.76 -14.74 33.55
N ASP A 508 -17.85 -15.64 33.14
CA ASP A 508 -16.42 -15.51 33.40
C ASP A 508 -15.78 -14.25 32.85
N GLY A 509 -15.05 -13.57 33.73
CA GLY A 509 -14.34 -12.31 33.45
C GLY A 509 -15.21 -11.08 33.60
N LEU A 510 -16.55 -11.27 33.80
CA LEU A 510 -17.50 -10.17 33.90
C LEU A 510 -17.08 -9.16 34.98
N THR A 511 -17.04 -9.63 36.23
CA THR A 511 -16.62 -8.94 37.43
C THR A 511 -15.23 -8.32 37.26
N ASP A 512 -14.35 -9.02 36.54
CA ASP A 512 -13.00 -8.54 36.24
C ASP A 512 -13.09 -7.35 35.31
N ALA A 513 -13.91 -7.43 34.24
CA ALA A 513 -14.14 -6.34 33.29
C ALA A 513 -14.81 -5.15 33.98
N LEU A 514 -15.76 -5.41 34.89
CA LEU A 514 -16.47 -4.38 35.67
C LEU A 514 -15.47 -3.66 36.58
N ARG A 515 -14.61 -4.43 37.29
CA ARG A 515 -13.59 -3.88 38.18
C ARG A 515 -12.54 -3.07 37.39
N THR A 516 -12.07 -3.60 36.21
CA THR A 516 -11.10 -2.92 35.36
C THR A 516 -11.56 -1.59 34.79
N TRP A 517 -12.81 -1.49 34.32
CA TRP A 517 -13.31 -0.25 33.71
C TRP A 517 -14.21 0.65 34.59
N PHE A 518 -14.89 0.09 35.57
CA PHE A 518 -15.81 0.90 36.38
C PHE A 518 -15.45 1.03 37.86
N GLY A 519 -14.44 0.29 38.32
CA GLY A 519 -14.00 0.35 39.70
C GLY A 519 -14.57 -0.72 40.62
N PRO A 520 -14.32 -0.57 41.95
CA PRO A 520 -14.79 -1.59 42.91
C PRO A 520 -16.32 -1.69 43.08
N PRO A 521 -16.88 -2.84 43.50
CA PRO A 521 -18.34 -2.92 43.68
C PRO A 521 -18.88 -2.03 44.80
N ALA A 522 -20.22 -1.98 44.92
CA ALA A 522 -21.06 -1.30 45.93
C ALA A 522 -20.39 -1.05 47.30
N MET B 21 27.43 -17.01 -44.37
CA MET B 21 26.66 -17.66 -43.30
C MET B 21 25.31 -17.00 -43.05
N ARG B 22 24.26 -17.83 -43.10
CA ARG B 22 22.83 -17.50 -42.98
C ARG B 22 22.20 -18.42 -41.93
N TYR B 23 21.49 -17.78 -41.00
CA TYR B 23 20.76 -18.34 -39.86
C TYR B 23 19.36 -17.75 -39.91
N ASP B 24 18.41 -18.38 -39.18
CA ASP B 24 17.04 -17.85 -39.11
C ASP B 24 17.01 -16.65 -38.18
N VAL B 25 17.58 -16.81 -36.97
CA VAL B 25 17.65 -15.80 -35.93
C VAL B 25 19.09 -15.67 -35.44
N VAL B 26 19.51 -14.42 -35.24
CA VAL B 26 20.75 -14.09 -34.59
C VAL B 26 20.38 -13.44 -33.22
N ILE B 27 20.96 -13.94 -32.13
CA ILE B 27 20.77 -13.38 -30.78
C ILE B 27 22.09 -12.73 -30.32
N ALA B 28 22.06 -11.44 -29.98
CA ALA B 28 23.22 -10.73 -29.45
C ALA B 28 23.14 -10.79 -27.91
N GLY B 29 24.04 -11.56 -27.27
CA GLY B 29 24.08 -11.69 -25.82
C GLY B 29 23.64 -13.03 -25.29
N ALA B 30 24.50 -13.67 -24.46
CA ALA B 30 24.26 -14.97 -23.83
C ALA B 30 24.00 -14.86 -22.34
N GLY B 31 23.27 -13.82 -21.94
CA GLY B 31 22.80 -13.68 -20.58
C GLY B 31 21.61 -14.60 -20.43
N PRO B 32 20.90 -14.64 -19.28
CA PRO B 32 19.74 -15.57 -19.16
C PRO B 32 18.61 -15.38 -20.18
N THR B 33 18.39 -14.15 -20.65
CA THR B 33 17.35 -13.83 -21.62
C THR B 33 17.72 -14.48 -22.95
N GLY B 34 18.95 -14.24 -23.41
CA GLY B 34 19.48 -14.77 -24.66
C GLY B 34 19.45 -16.28 -24.73
N LEU B 35 19.91 -16.94 -23.65
CA LEU B 35 19.97 -18.41 -23.53
C LEU B 35 18.59 -19.07 -23.52
N MET B 36 17.61 -18.46 -22.85
CA MET B 36 16.27 -19.01 -22.83
C MET B 36 15.65 -18.84 -24.20
N LEU B 37 15.88 -17.67 -24.83
CA LEU B 37 15.38 -17.39 -26.17
C LEU B 37 15.92 -18.41 -27.18
N ALA B 38 17.24 -18.71 -27.08
CA ALA B 38 17.89 -19.72 -27.92
C ALA B 38 17.19 -21.06 -27.74
N CYS B 39 16.91 -21.49 -26.48
CA CYS B 39 16.22 -22.76 -26.22
C CYS B 39 14.88 -22.84 -26.86
N GLU B 40 14.10 -21.78 -26.68
CA GLU B 40 12.74 -21.61 -27.18
C GLU B 40 12.69 -21.62 -28.68
N LEU B 41 13.58 -20.87 -29.36
CA LEU B 41 13.66 -20.85 -30.81
C LEU B 41 14.03 -22.23 -31.42
N ARG B 42 14.90 -23.03 -30.73
CA ARG B 42 15.29 -24.37 -31.18
C ARG B 42 14.10 -25.30 -31.08
N LEU B 43 13.31 -25.23 -29.99
CA LEU B 43 12.05 -26.01 -29.86
C LEU B 43 11.10 -25.72 -31.05
N ALA B 44 11.11 -24.48 -31.57
CA ALA B 44 10.33 -24.02 -32.72
C ALA B 44 11.00 -24.22 -34.09
N GLY B 45 12.10 -24.98 -34.12
CA GLY B 45 12.85 -25.34 -35.33
C GLY B 45 13.65 -24.25 -36.04
N ALA B 46 14.00 -23.16 -35.35
CA ALA B 46 14.77 -22.09 -36.00
C ALA B 46 16.28 -22.28 -35.87
N ARG B 47 17.03 -22.17 -36.99
CA ARG B 47 18.50 -22.21 -36.99
C ARG B 47 18.92 -20.91 -36.25
N THR B 48 19.46 -21.07 -35.04
CA THR B 48 19.78 -19.95 -34.14
C THR B 48 21.26 -19.74 -33.91
N LEU B 49 21.69 -18.48 -33.94
CA LEU B 49 23.08 -18.12 -33.63
C LEU B 49 23.12 -17.18 -32.44
N VAL B 50 23.91 -17.56 -31.43
CA VAL B 50 24.07 -16.74 -30.24
C VAL B 50 25.48 -16.23 -30.09
N LEU B 51 25.62 -14.90 -30.17
CA LEU B 51 26.89 -14.16 -30.14
C LEU B 51 27.03 -13.49 -28.80
N GLU B 52 28.09 -13.87 -28.05
CA GLU B 52 28.40 -13.34 -26.73
C GLU B 52 29.73 -12.61 -26.71
N ARG B 53 29.70 -11.33 -26.26
CA ARG B 53 30.89 -10.48 -26.14
C ARG B 53 31.98 -11.14 -25.29
N LEU B 54 31.61 -11.71 -24.10
CA LEU B 54 32.60 -12.31 -23.20
C LEU B 54 33.15 -13.63 -23.73
N ALA B 55 34.47 -13.83 -23.59
CA ALA B 55 35.18 -15.02 -24.04
C ALA B 55 34.88 -16.24 -23.16
N GLU B 56 34.67 -16.01 -21.86
CA GLU B 56 34.36 -17.06 -20.89
C GLU B 56 33.21 -16.56 -20.06
N PRO B 57 32.31 -17.43 -19.56
CA PRO B 57 31.24 -16.91 -18.69
C PRO B 57 31.82 -16.30 -17.40
N VAL B 58 31.12 -15.30 -16.95
CA VAL B 58 31.34 -14.53 -15.74
C VAL B 58 31.30 -15.49 -14.51
N ASP B 59 32.23 -15.31 -13.55
CA ASP B 59 32.41 -16.13 -12.33
C ASP B 59 31.67 -15.52 -11.11
N PHE B 60 30.75 -14.55 -11.37
CA PHE B 60 29.93 -13.86 -10.36
C PHE B 60 28.42 -13.93 -10.67
N SER B 61 27.58 -13.68 -9.64
CA SER B 61 26.12 -13.70 -9.76
C SER B 61 25.44 -12.40 -9.39
N LYS B 62 24.79 -11.74 -10.37
CA LYS B 62 24.00 -10.53 -10.11
C LYS B 62 22.72 -11.03 -9.41
N ALA B 63 21.90 -11.82 -10.12
CA ALA B 63 20.70 -12.41 -9.56
C ALA B 63 21.07 -13.55 -8.61
N LEU B 64 20.28 -13.73 -7.56
CA LEU B 64 20.55 -14.74 -6.52
C LEU B 64 19.47 -15.79 -6.44
N GLY B 65 18.46 -15.66 -7.29
CA GLY B 65 17.36 -16.61 -7.33
C GLY B 65 16.47 -16.42 -8.53
N VAL B 66 15.43 -17.26 -8.61
CA VAL B 66 14.39 -17.24 -9.64
C VAL B 66 13.06 -17.33 -8.88
N HIS B 67 12.05 -16.57 -9.34
CA HIS B 67 10.75 -16.54 -8.70
C HIS B 67 9.88 -17.70 -9.19
N ALA B 68 8.74 -17.90 -8.51
CA ALA B 68 7.82 -19.01 -8.75
C ALA B 68 7.37 -19.19 -10.20
N ARG B 69 7.11 -18.09 -10.97
CA ARG B 69 6.69 -18.26 -12.36
C ARG B 69 7.77 -18.85 -13.28
N THR B 70 9.05 -18.45 -13.10
CA THR B 70 10.18 -18.98 -13.84
C THR B 70 10.31 -20.50 -13.54
N VAL B 71 10.18 -20.91 -12.27
CA VAL B 71 10.25 -22.33 -11.91
C VAL B 71 9.17 -23.13 -12.65
N GLU B 72 7.95 -22.56 -12.76
CA GLU B 72 6.86 -23.21 -13.49
C GLU B 72 7.21 -23.39 -14.96
N LEU B 73 7.86 -22.38 -15.56
CA LEU B 73 8.25 -22.44 -16.97
C LEU B 73 9.38 -23.42 -17.21
N LEU B 74 10.36 -23.51 -16.28
CA LEU B 74 11.43 -24.52 -16.37
C LEU B 74 10.83 -25.93 -16.28
N ASP B 75 9.81 -26.12 -15.40
CA ASP B 75 9.06 -27.37 -15.21
C ASP B 75 8.37 -27.79 -16.50
N MET B 76 7.72 -26.82 -17.19
CA MET B 76 7.06 -27.03 -18.47
C MET B 76 8.02 -27.46 -19.54
N ARG B 77 9.28 -27.07 -19.40
CA ARG B 77 10.29 -27.44 -20.38
C ARG B 77 11.10 -28.67 -20.00
N GLY B 78 10.86 -29.18 -18.79
CA GLY B 78 11.58 -30.34 -18.26
C GLY B 78 12.96 -29.99 -17.72
N LEU B 79 13.16 -28.74 -17.30
CA LEU B 79 14.42 -28.23 -16.77
C LEU B 79 14.39 -28.00 -15.25
N GLY B 80 13.18 -27.88 -14.69
CA GLY B 80 12.87 -27.66 -13.28
C GLY B 80 13.71 -28.41 -12.26
N GLU B 81 13.83 -29.75 -12.45
CA GLU B 81 14.62 -30.65 -11.57
C GLU B 81 16.09 -30.25 -11.43
N GLY B 82 16.66 -29.65 -12.48
CA GLY B 82 18.04 -29.20 -12.50
C GLY B 82 18.30 -28.00 -11.62
N PHE B 83 17.30 -27.09 -11.54
CA PHE B 83 17.40 -25.89 -10.73
C PHE B 83 17.18 -26.19 -9.25
N GLN B 84 16.12 -26.97 -8.93
CA GLN B 84 15.72 -27.35 -7.57
C GLN B 84 16.77 -28.12 -6.80
N ALA B 85 17.75 -28.77 -7.50
CA ALA B 85 18.89 -29.51 -6.89
C ALA B 85 19.64 -28.57 -5.93
N GLU B 86 19.81 -27.29 -6.36
CA GLU B 86 20.34 -26.16 -5.57
C GLU B 86 19.14 -25.71 -4.70
N ALA B 87 18.84 -26.56 -3.72
CA ALA B 87 17.68 -26.52 -2.85
C ALA B 87 17.13 -25.21 -2.24
N PRO B 88 17.90 -24.22 -1.72
CA PRO B 88 17.26 -23.17 -0.91
C PRO B 88 15.98 -22.53 -1.43
N LYS B 89 14.89 -22.70 -0.65
CA LYS B 89 13.56 -22.20 -0.95
C LYS B 89 13.23 -21.01 -0.06
N LEU B 90 12.90 -19.88 -0.69
CA LEU B 90 12.57 -18.62 -0.02
C LEU B 90 11.07 -18.50 -0.14
N ARG B 91 10.34 -18.84 0.92
CA ARG B 91 8.87 -18.82 0.90
C ARG B 91 8.27 -17.45 1.05
N GLY B 92 9.12 -16.48 1.36
CA GLY B 92 8.72 -15.09 1.49
C GLY B 92 9.55 -14.19 0.60
N GLY B 93 8.94 -13.13 0.11
CA GLY B 93 9.61 -12.17 -0.76
C GLY B 93 9.89 -10.85 -0.08
N ASN B 94 10.90 -10.14 -0.58
CA ASN B 94 11.30 -8.81 -0.08
C ASN B 94 10.54 -7.68 -0.80
N PHE B 95 10.19 -6.64 -0.02
CA PHE B 95 9.59 -5.45 -0.56
C PHE B 95 10.18 -4.22 0.12
N ALA B 96 11.16 -3.59 -0.53
CA ALA B 96 11.89 -2.42 -0.05
C ALA B 96 12.43 -2.60 1.39
N SER B 97 12.86 -3.83 1.73
CA SER B 97 13.39 -4.19 3.05
C SER B 97 12.56 -3.66 4.22
N LEU B 98 11.26 -3.93 4.18
CA LEU B 98 10.29 -3.46 5.17
C LEU B 98 9.97 -4.47 6.30
N GLY B 99 10.55 -5.67 6.23
CA GLY B 99 10.40 -6.70 7.25
C GLY B 99 9.12 -7.52 7.18
N VAL B 100 8.25 -7.21 6.21
CA VAL B 100 6.98 -7.95 6.03
C VAL B 100 7.10 -8.77 4.76
N PRO B 101 7.37 -10.08 4.87
CA PRO B 101 7.54 -10.88 3.65
C PRO B 101 6.31 -10.97 2.74
N LEU B 102 6.58 -11.12 1.45
CA LEU B 102 5.58 -11.35 0.41
C LEU B 102 5.35 -12.85 0.40
N ASP B 103 4.24 -13.27 0.98
CA ASP B 103 3.84 -14.66 1.12
C ASP B 103 3.41 -15.25 -0.22
N PHE B 104 4.13 -16.25 -0.67
CA PHE B 104 3.85 -16.93 -1.94
C PHE B 104 2.98 -18.19 -1.76
N SER B 105 2.71 -18.59 -0.50
CA SER B 105 1.92 -19.78 -0.18
C SER B 105 0.44 -19.67 -0.54
N SER B 106 -0.04 -18.44 -0.69
CA SER B 106 -1.40 -18.05 -1.02
C SER B 106 -1.75 -18.35 -2.51
N PHE B 107 -0.79 -18.93 -3.25
CA PHE B 107 -0.92 -19.19 -4.67
C PHE B 107 -1.14 -20.60 -5.08
N ASP B 108 -1.95 -20.77 -6.13
CA ASP B 108 -2.19 -22.08 -6.68
C ASP B 108 -1.01 -22.45 -7.56
N THR B 109 0.06 -22.94 -6.95
CA THR B 109 1.27 -23.30 -7.63
C THR B 109 1.90 -24.46 -6.91
N ARG B 110 2.73 -25.23 -7.63
CA ARG B 110 3.51 -26.32 -7.04
C ARG B 110 4.78 -25.75 -6.41
N HIS B 111 5.13 -24.47 -6.71
CA HIS B 111 6.33 -23.80 -6.16
C HIS B 111 5.97 -22.50 -5.41
N PRO B 112 5.30 -22.59 -4.23
CA PRO B 112 4.96 -21.36 -3.49
C PRO B 112 6.16 -20.76 -2.77
N TYR B 113 7.16 -20.39 -3.54
CA TYR B 113 8.40 -19.85 -3.05
C TYR B 113 9.25 -19.37 -4.21
N ALA B 114 10.31 -18.67 -3.88
CA ALA B 114 11.39 -18.30 -4.77
C ALA B 114 12.54 -19.33 -4.44
N LEU B 115 13.33 -19.66 -5.42
CA LEU B 115 14.47 -20.56 -5.29
C LEU B 115 15.74 -19.75 -5.17
N PHE B 116 16.67 -20.13 -4.29
CA PHE B 116 17.97 -19.44 -4.18
C PHE B 116 18.91 -20.10 -5.17
N VAL B 117 19.00 -19.52 -6.36
CA VAL B 117 19.84 -20.07 -7.42
C VAL B 117 20.68 -18.94 -7.95
N PRO B 118 22.01 -18.97 -7.74
CA PRO B 118 22.84 -17.86 -8.26
C PRO B 118 22.88 -17.88 -9.79
N GLN B 119 22.93 -16.68 -10.41
CA GLN B 119 22.92 -16.48 -11.85
C GLN B 119 23.89 -17.36 -12.60
N VAL B 120 25.10 -17.56 -12.07
CA VAL B 120 26.15 -18.36 -12.71
C VAL B 120 25.61 -19.77 -12.98
N ARG B 121 24.84 -20.32 -12.01
CA ARG B 121 24.23 -21.64 -12.08
C ARG B 121 23.05 -21.64 -13.05
N THR B 122 22.20 -20.58 -13.03
CA THR B 122 21.06 -20.39 -13.94
C THR B 122 21.56 -20.39 -15.40
N GLU B 123 22.62 -19.61 -15.67
CA GLU B 123 23.25 -19.50 -16.98
C GLU B 123 23.88 -20.84 -17.43
N GLU B 124 24.52 -21.59 -16.50
CA GLU B 124 25.13 -22.89 -16.77
C GLU B 124 24.05 -23.92 -17.17
N LEU B 125 22.89 -23.86 -16.51
CA LEU B 125 21.76 -24.74 -16.81
C LEU B 125 21.15 -24.42 -18.17
N LEU B 126 20.95 -23.14 -18.47
CA LEU B 126 20.42 -22.72 -19.77
C LEU B 126 21.36 -22.96 -20.93
N THR B 127 22.68 -22.88 -20.69
CA THR B 127 23.72 -23.10 -21.69
C THR B 127 23.73 -24.57 -22.04
N GLY B 128 23.66 -25.43 -21.04
CA GLY B 128 23.60 -26.88 -21.23
C GLY B 128 22.46 -27.25 -22.16
N ARG B 129 21.27 -26.72 -21.87
CA ARG B 129 20.05 -26.93 -22.64
C ARG B 129 20.13 -26.37 -24.07
N ALA B 130 20.53 -25.09 -24.23
CA ALA B 130 20.66 -24.45 -25.55
C ALA B 130 21.60 -25.24 -26.46
N LEU B 131 22.74 -25.72 -25.91
CA LEU B 131 23.73 -26.53 -26.65
C LEU B 131 23.13 -27.89 -27.00
N GLU B 132 22.47 -28.55 -26.02
CA GLU B 132 21.84 -29.86 -26.23
C GLU B 132 20.84 -29.79 -27.39
N LEU B 133 20.11 -28.68 -27.49
CA LEU B 133 19.09 -28.34 -28.49
C LEU B 133 19.66 -27.90 -29.86
N GLY B 134 20.98 -27.73 -29.93
CA GLY B 134 21.65 -27.35 -31.18
C GLY B 134 21.79 -25.88 -31.51
N ALA B 135 21.68 -24.99 -30.50
CA ALA B 135 21.89 -23.58 -30.76
C ALA B 135 23.42 -23.38 -30.82
N GLU B 136 23.86 -22.54 -31.76
CA GLU B 136 25.28 -22.25 -31.92
C GLU B 136 25.68 -21.09 -31.02
N LEU B 137 26.65 -21.31 -30.13
CA LEU B 137 27.10 -20.26 -29.21
C LEU B 137 28.51 -19.83 -29.58
N ARG B 138 28.70 -18.53 -29.83
CA ARG B 138 30.02 -18.00 -30.17
C ARG B 138 30.45 -17.01 -29.08
N ARG B 139 31.29 -17.47 -28.15
CA ARG B 139 31.76 -16.62 -27.08
C ARG B 139 33.02 -15.87 -27.52
N GLY B 140 33.03 -14.57 -27.25
CA GLY B 140 34.05 -13.62 -27.66
C GLY B 140 33.65 -12.89 -28.94
N HIS B 141 32.38 -13.08 -29.39
CA HIS B 141 31.86 -12.45 -30.61
C HIS B 141 30.90 -11.33 -30.29
N ALA B 142 31.20 -10.12 -30.80
CA ALA B 142 30.37 -8.94 -30.55
C ALA B 142 29.76 -8.34 -31.80
N VAL B 143 28.52 -7.89 -31.68
CA VAL B 143 27.77 -7.22 -32.73
C VAL B 143 28.13 -5.73 -32.66
N THR B 144 28.59 -5.15 -33.77
CA THR B 144 29.04 -3.75 -33.88
C THR B 144 28.14 -2.87 -34.76
N ALA B 145 27.47 -3.47 -35.74
CA ALA B 145 26.57 -2.79 -36.67
C ALA B 145 25.49 -3.74 -37.15
N LEU B 146 24.43 -3.19 -37.74
CA LEU B 146 23.34 -3.93 -38.33
C LEU B 146 22.76 -3.18 -39.53
N GLU B 147 22.27 -3.91 -40.54
CA GLU B 147 21.61 -3.38 -41.73
C GLU B 147 20.34 -4.23 -41.92
N GLN B 148 19.23 -3.54 -42.14
CA GLN B 148 17.91 -4.17 -42.26
C GLN B 148 17.21 -3.75 -43.56
N ASP B 149 16.39 -4.63 -44.10
CA ASP B 149 15.57 -4.40 -45.31
C ASP B 149 14.33 -5.31 -45.15
N ALA B 150 13.51 -5.43 -46.19
CA ALA B 150 12.27 -6.23 -46.14
C ALA B 150 12.55 -7.72 -46.03
N ASP B 151 13.67 -8.16 -46.62
CA ASP B 151 14.07 -9.55 -46.74
C ASP B 151 14.77 -10.13 -45.52
N GLY B 152 15.59 -9.34 -44.84
CA GLY B 152 16.32 -9.81 -43.68
C GLY B 152 17.22 -8.79 -43.01
N VAL B 153 18.13 -9.29 -42.16
CA VAL B 153 19.08 -8.48 -41.43
C VAL B 153 20.47 -8.98 -41.71
N THR B 154 21.43 -8.05 -41.85
CA THR B 154 22.86 -8.33 -41.98
C THR B 154 23.54 -7.74 -40.74
N VAL B 155 24.21 -8.61 -39.97
CA VAL B 155 24.85 -8.20 -38.73
C VAL B 155 26.37 -8.18 -38.80
N SER B 156 26.99 -7.09 -38.33
CA SER B 156 28.44 -6.95 -38.33
C SER B 156 28.99 -7.47 -37.03
N VAL B 157 29.89 -8.47 -37.13
CA VAL B 157 30.47 -9.14 -35.98
C VAL B 157 31.99 -9.00 -35.94
N THR B 158 32.52 -8.80 -34.73
CA THR B 158 33.94 -8.82 -34.43
C THR B 158 34.15 -9.95 -33.43
N GLY B 159 34.98 -10.91 -33.83
CA GLY B 159 35.31 -12.05 -32.99
C GLY B 159 36.82 -12.25 -32.88
N PRO B 160 37.27 -13.27 -32.11
CA PRO B 160 38.73 -13.51 -31.97
C PRO B 160 39.52 -13.82 -33.24
N GLU B 161 38.84 -14.18 -34.32
CA GLU B 161 39.52 -14.50 -35.58
C GLU B 161 39.32 -13.35 -36.59
N GLY B 162 38.81 -12.21 -36.10
CA GLY B 162 38.56 -11.05 -36.94
C GLY B 162 37.10 -10.75 -37.28
N PRO B 163 36.91 -9.66 -38.05
CA PRO B 163 35.53 -9.25 -38.37
C PRO B 163 34.86 -10.08 -39.43
N TYR B 164 33.51 -10.11 -39.41
CA TYR B 164 32.70 -10.79 -40.41
C TYR B 164 31.28 -10.33 -40.36
N GLU B 165 30.46 -10.76 -41.32
CA GLU B 165 29.02 -10.43 -41.42
C GLU B 165 28.19 -11.71 -41.50
N VAL B 166 27.02 -11.69 -40.89
CA VAL B 166 26.10 -12.81 -40.89
C VAL B 166 24.69 -12.31 -41.25
N GLU B 167 24.02 -13.07 -42.07
CA GLU B 167 22.67 -12.76 -42.53
C GLU B 167 21.69 -13.57 -41.73
N CYS B 168 20.50 -13.00 -41.47
CA CYS B 168 19.40 -13.66 -40.77
C CYS B 168 18.07 -13.06 -41.14
N ALA B 169 16.95 -13.75 -40.81
CA ALA B 169 15.61 -13.22 -41.05
C ALA B 169 15.32 -12.21 -39.92
N TYR B 170 15.79 -12.49 -38.70
CA TYR B 170 15.54 -11.66 -37.53
C TYR B 170 16.71 -11.60 -36.59
N LEU B 171 16.99 -10.42 -36.03
CA LEU B 171 18.03 -10.27 -35.01
C LEU B 171 17.37 -9.87 -33.70
N VAL B 172 17.85 -10.45 -32.60
CA VAL B 172 17.31 -10.11 -31.29
C VAL B 172 18.41 -9.60 -30.38
N GLY B 173 18.19 -8.42 -29.85
CA GLY B 173 19.06 -7.79 -28.89
C GLY B 173 18.71 -8.23 -27.48
N CYS B 174 19.56 -9.07 -26.91
CA CYS B 174 19.48 -9.58 -25.55
C CYS B 174 20.84 -9.20 -24.88
N ASP B 175 21.36 -8.01 -25.26
CA ASP B 175 22.65 -7.47 -24.88
C ASP B 175 22.74 -6.55 -23.63
N GLY B 176 21.77 -6.69 -22.71
CA GLY B 176 21.74 -5.95 -21.44
C GLY B 176 21.22 -4.53 -21.51
N GLY B 177 21.25 -3.84 -20.37
CA GLY B 177 20.79 -2.46 -20.21
C GLY B 177 21.45 -1.40 -21.08
N GLY B 178 22.73 -1.60 -21.38
CA GLY B 178 23.44 -0.68 -22.24
C GLY B 178 23.35 -1.05 -23.72
N SER B 179 22.48 -2.05 -24.05
CA SER B 179 22.24 -2.65 -25.36
C SER B 179 22.75 -1.89 -26.56
N THR B 180 23.70 -2.50 -27.29
CA THR B 180 24.32 -1.98 -28.49
C THR B 180 23.24 -1.89 -29.57
N VAL B 181 22.42 -2.96 -29.66
CA VAL B 181 21.37 -3.15 -30.66
C VAL B 181 20.30 -2.07 -30.58
N ARG B 182 19.85 -1.74 -29.35
CA ARG B 182 18.85 -0.70 -29.09
C ARG B 182 19.36 0.62 -29.66
N LYS B 183 20.61 0.97 -29.31
CA LYS B 183 21.27 2.19 -29.75
C LYS B 183 21.48 2.21 -31.25
N LEU B 184 21.88 1.05 -31.86
CA LEU B 184 22.06 0.91 -33.30
C LEU B 184 20.77 1.23 -34.06
N LEU B 185 19.64 0.75 -33.54
CA LEU B 185 18.29 0.96 -34.05
C LEU B 185 17.74 2.38 -33.86
N GLY B 186 18.32 3.15 -32.94
CA GLY B 186 17.83 4.48 -32.62
C GLY B 186 16.57 4.47 -31.76
N ILE B 187 16.29 3.35 -31.06
CA ILE B 187 15.11 3.24 -30.22
C ILE B 187 15.36 4.05 -28.96
N ASP B 188 14.42 4.98 -28.66
CA ASP B 188 14.51 5.79 -27.46
C ASP B 188 14.23 4.95 -26.21
N PHE B 189 14.95 5.27 -25.14
CA PHE B 189 14.89 4.55 -23.88
C PHE B 189 14.32 5.52 -22.81
N PRO B 190 13.04 5.98 -22.90
CA PRO B 190 12.56 6.97 -21.91
C PRO B 190 12.34 6.40 -20.53
N GLY B 191 12.48 7.27 -19.55
CA GLY B 191 12.31 6.94 -18.15
C GLY B 191 12.82 8.03 -17.24
N GLN B 192 13.37 7.63 -16.12
CA GLN B 192 13.80 8.59 -15.14
C GLN B 192 15.25 8.48 -14.80
N ASP B 193 15.85 9.65 -14.55
CA ASP B 193 17.24 9.76 -14.16
C ASP B 193 17.38 9.29 -12.72
N PRO B 194 18.57 8.78 -12.33
CA PRO B 194 18.73 8.34 -10.94
C PRO B 194 18.65 9.45 -9.88
N HIS B 195 18.29 9.02 -8.68
CA HIS B 195 18.27 9.78 -7.45
C HIS B 195 19.15 9.04 -6.45
N MET B 196 19.57 7.80 -6.77
CA MET B 196 20.38 6.91 -5.94
C MET B 196 21.61 6.38 -6.69
N PHE B 197 22.74 6.39 -6.04
CA PHE B 197 24.03 5.89 -6.58
C PHE B 197 24.66 5.04 -5.50
N ALA B 198 24.87 3.78 -5.82
CA ALA B 198 25.42 2.82 -4.87
C ALA B 198 26.52 1.96 -5.48
N VAL B 199 27.35 1.38 -4.61
CA VAL B 199 28.38 0.45 -4.97
C VAL B 199 28.09 -0.88 -4.29
N ILE B 200 28.28 -1.97 -5.03
CA ILE B 200 28.11 -3.35 -4.56
C ILE B 200 29.45 -4.05 -4.61
N ALA B 201 29.64 -4.95 -3.65
CA ALA B 201 30.83 -5.79 -3.49
C ALA B 201 30.42 -7.07 -2.80
N ASP B 202 30.64 -8.21 -3.46
CA ASP B 202 30.45 -9.51 -2.85
C ASP B 202 31.83 -9.81 -2.25
N ALA B 203 31.92 -9.84 -0.91
CA ALA B 203 33.22 -9.99 -0.24
C ALA B 203 33.16 -10.66 1.12
N ARG B 204 34.35 -10.83 1.69
CA ARG B 204 34.66 -11.35 3.02
C ARG B 204 35.13 -10.14 3.85
N PHE B 205 34.75 -10.11 5.13
CA PHE B 205 35.14 -9.01 6.01
C PHE B 205 35.86 -9.51 7.26
N ARG B 206 37.16 -9.16 7.41
CA ARG B 206 37.94 -9.59 8.57
C ARG B 206 37.28 -9.17 9.88
N GLU B 207 36.81 -7.92 9.95
CA GLU B 207 36.13 -7.39 11.12
C GLU B 207 34.68 -7.84 11.16
N GLU B 208 34.04 -7.71 12.33
CA GLU B 208 32.65 -8.06 12.59
C GLU B 208 31.76 -6.91 12.05
N LEU B 209 30.61 -7.26 11.45
CA LEU B 209 29.72 -6.26 10.85
C LEU B 209 28.71 -5.72 11.84
N PRO B 210 28.42 -4.39 11.84
CA PRO B 210 27.46 -3.88 12.82
C PRO B 210 26.01 -4.26 12.48
N HIS B 211 25.11 -4.26 13.48
CA HIS B 211 23.72 -4.57 13.21
C HIS B 211 22.99 -3.39 12.56
N GLY B 212 22.31 -3.69 11.44
CA GLY B 212 21.50 -2.75 10.67
C GLY B 212 20.11 -3.31 10.37
N PRO B 220 20.09 -6.58 8.02
CA PRO B 220 20.84 -7.62 8.77
C PRO B 220 22.11 -7.01 9.34
N TYR B 221 22.90 -6.39 8.46
CA TYR B 221 24.14 -5.71 8.81
C TYR B 221 24.16 -4.41 8.07
N GLY B 222 24.66 -3.39 8.73
CA GLY B 222 24.74 -2.08 8.10
C GLY B 222 24.76 -0.92 9.06
N VAL B 223 24.98 0.26 8.47
CA VAL B 223 25.10 1.56 9.12
C VAL B 223 24.21 2.55 8.34
N MET B 224 23.34 3.25 9.08
CA MET B 224 22.41 4.29 8.64
C MET B 224 23.05 5.66 8.84
N ARG B 225 22.90 6.55 7.87
CA ARG B 225 23.48 7.89 7.97
C ARG B 225 22.57 8.97 7.36
N HIS B 226 21.60 9.45 8.18
CA HIS B 226 20.63 10.49 7.80
C HIS B 226 21.29 11.81 7.42
N ASP B 227 22.33 12.21 8.17
CA ASP B 227 23.08 13.44 7.90
C ASP B 227 23.69 13.41 6.49
N LEU B 228 24.23 12.26 6.12
CA LEU B 228 24.88 11.99 4.85
C LEU B 228 23.86 11.60 3.77
N ARG B 229 22.61 11.21 4.18
CA ARG B 229 21.51 10.71 3.33
C ARG B 229 22.05 9.53 2.51
N ALA B 230 22.55 8.54 3.24
CA ALA B 230 23.19 7.36 2.71
C ALA B 230 23.06 6.22 3.71
N TRP B 231 23.36 5.00 3.26
CA TRP B 231 23.40 3.85 4.13
C TRP B 231 24.31 2.81 3.61
N PHE B 232 24.82 1.96 4.53
CA PHE B 232 25.62 0.77 4.22
C PHE B 232 24.76 -0.43 4.66
N ALA B 233 24.68 -1.45 3.82
CA ALA B 233 23.95 -2.70 4.10
C ALA B 233 24.74 -3.87 3.58
N ALA B 234 24.55 -5.03 4.20
CA ALA B 234 25.17 -6.28 3.81
C ALA B 234 24.33 -7.46 4.28
N PHE B 235 24.34 -8.54 3.52
CA PHE B 235 23.62 -9.75 3.86
C PHE B 235 24.43 -10.95 3.47
N PRO B 236 24.36 -12.06 4.25
CA PRO B 236 25.16 -13.26 3.90
C PRO B 236 24.80 -13.84 2.52
N LEU B 237 25.81 -14.21 1.73
CA LEU B 237 25.61 -14.81 0.41
C LEU B 237 25.69 -16.32 0.60
N GLU B 238 26.73 -16.76 1.32
CA GLU B 238 27.03 -18.10 1.79
C GLU B 238 27.70 -17.87 3.15
N PRO B 239 27.81 -18.84 4.10
CA PRO B 239 28.50 -18.54 5.38
C PRO B 239 29.83 -17.80 5.18
N ASP B 240 30.01 -16.68 5.89
CA ASP B 240 31.20 -15.80 5.86
C ASP B 240 31.47 -14.97 4.57
N VAL B 241 30.47 -14.88 3.65
CA VAL B 241 30.55 -14.06 2.43
C VAL B 241 29.28 -13.22 2.30
N TYR B 242 29.47 -11.89 2.15
CA TYR B 242 28.35 -10.94 2.11
C TYR B 242 28.25 -10.18 0.85
N ARG B 243 27.02 -9.73 0.54
CA ARG B 243 26.79 -8.80 -0.53
C ARG B 243 26.74 -7.47 0.21
N ALA B 244 27.73 -6.60 -0.02
CA ALA B 244 27.85 -5.31 0.65
C ALA B 244 27.36 -4.20 -0.27
N THR B 245 26.51 -3.31 0.25
CA THR B 245 25.94 -2.20 -0.54
C THR B 245 26.11 -0.87 0.19
N VAL B 246 26.69 0.14 -0.50
CA VAL B 246 26.77 1.49 0.03
C VAL B 246 25.98 2.36 -0.93
N ALA B 247 24.83 2.87 -0.50
CA ALA B 247 23.93 3.69 -1.31
C ALA B 247 23.97 5.11 -0.88
N PHE B 248 23.99 6.03 -1.82
CA PHE B 248 23.99 7.47 -1.56
C PHE B 248 22.82 8.03 -2.33
N PHE B 249 21.98 8.81 -1.66
CA PHE B 249 20.77 9.40 -2.21
C PHE B 249 20.89 10.91 -2.41
N ASP B 250 20.33 11.44 -3.52
CA ASP B 250 20.27 12.85 -3.96
C ASP B 250 21.49 13.69 -3.64
N ARG B 256 29.07 8.64 -12.16
CA ARG B 256 29.92 7.53 -11.79
C ARG B 256 29.90 6.45 -12.88
N ARG B 257 30.09 6.87 -14.12
CA ARG B 257 30.12 5.97 -15.27
C ARG B 257 31.26 4.97 -15.18
N ALA B 258 32.41 5.44 -14.71
CA ALA B 258 33.62 4.61 -14.68
C ALA B 258 33.43 3.39 -13.79
N PRO B 259 34.02 2.27 -14.21
CA PRO B 259 33.88 1.02 -13.46
C PRO B 259 34.48 1.12 -12.07
N VAL B 260 33.81 0.52 -11.09
CA VAL B 260 34.24 0.60 -9.71
C VAL B 260 35.56 -0.12 -9.45
N THR B 261 36.39 0.47 -8.60
CA THR B 261 37.62 -0.17 -8.16
C THR B 261 37.42 -0.62 -6.72
N GLU B 262 38.33 -1.45 -6.23
CA GLU B 262 38.22 -1.95 -4.88
C GLU B 262 38.31 -0.79 -3.92
N GLU B 263 39.16 0.22 -4.24
CA GLU B 263 39.39 1.40 -3.41
C GLU B 263 38.13 2.27 -3.29
N ASP B 264 37.36 2.35 -4.40
CA ASP B 264 36.08 3.07 -4.50
C ASP B 264 35.10 2.52 -3.48
N VAL B 265 34.94 1.16 -3.40
CA VAL B 265 34.03 0.49 -2.45
C VAL B 265 34.58 0.70 -1.00
N ARG B 266 35.90 0.66 -0.84
CA ARG B 266 36.52 0.98 0.45
C ARG B 266 36.27 2.43 0.87
N ALA B 267 36.39 3.34 -0.07
CA ALA B 267 36.07 4.77 0.15
C ALA B 267 34.61 4.98 0.59
N ALA B 268 33.64 4.41 -0.16
CA ALA B 268 32.20 4.48 0.13
C ALA B 268 31.90 4.00 1.54
N LEU B 269 32.44 2.81 1.86
CA LEU B 269 32.37 2.10 3.15
C LEU B 269 32.91 2.99 4.24
N THR B 270 34.07 3.59 3.99
CA THR B 270 34.78 4.43 4.92
C THR B 270 34.12 5.80 5.19
N GLU B 271 33.47 6.37 4.18
CA GLU B 271 32.73 7.63 4.24
C GLU B 271 31.52 7.45 5.15
N VAL B 272 30.75 6.36 4.96
CA VAL B 272 29.53 6.07 5.71
C VAL B 272 29.76 5.43 7.09
N ALA B 273 30.53 4.35 7.15
CA ALA B 273 30.70 3.55 8.35
C ALA B 273 31.94 3.82 9.19
N GLY B 274 32.88 4.62 8.65
CA GLY B 274 34.13 4.90 9.35
C GLY B 274 35.24 3.90 9.08
N SER B 275 34.89 2.74 8.51
CA SER B 275 35.87 1.68 8.28
C SER B 275 35.49 0.77 7.12
N ASP B 276 36.47 0.09 6.56
CA ASP B 276 36.23 -0.88 5.49
C ASP B 276 35.95 -2.29 6.02
N PHE B 277 36.08 -2.45 7.33
CA PHE B 277 35.79 -3.73 7.99
C PHE B 277 36.62 -4.92 7.48
N GLY B 278 37.89 -4.68 7.18
CA GLY B 278 38.79 -5.75 6.77
C GLY B 278 38.36 -6.48 5.52
N MET B 279 37.78 -5.74 4.59
CA MET B 279 37.36 -6.25 3.28
C MET B 279 38.52 -6.89 2.51
N HIS B 280 38.34 -8.15 2.09
CA HIS B 280 39.26 -8.96 1.30
C HIS B 280 38.40 -10.02 0.58
N ASP B 281 39.02 -10.84 -0.32
CA ASP B 281 38.35 -11.90 -1.10
C ASP B 281 37.14 -11.35 -1.89
N VAL B 282 37.43 -10.29 -2.67
CA VAL B 282 36.45 -9.57 -3.45
C VAL B 282 36.07 -10.39 -4.67
N ARG B 283 34.85 -10.90 -4.68
CA ARG B 283 34.33 -11.73 -5.74
C ARG B 283 33.76 -10.89 -6.87
N TRP B 284 33.28 -9.68 -6.56
CA TRP B 284 32.59 -8.85 -7.54
C TRP B 284 32.50 -7.42 -7.07
N LEU B 285 32.52 -6.48 -8.01
CA LEU B 285 32.42 -5.05 -7.71
C LEU B 285 31.47 -4.46 -8.75
N SER B 286 30.69 -3.43 -8.35
CA SER B 286 29.75 -2.84 -9.30
C SER B 286 29.11 -1.57 -8.84
N ARG B 287 28.67 -0.77 -9.78
CA ARG B 287 27.87 0.41 -9.51
C ARG B 287 26.41 -0.07 -9.65
N LEU B 288 25.47 0.69 -9.09
CA LEU B 288 24.06 0.40 -9.10
C LEU B 288 23.35 1.76 -8.96
N THR B 289 22.22 1.94 -9.64
CA THR B 289 21.43 3.17 -9.55
C THR B 289 19.96 2.81 -9.56
N ASP B 290 19.10 3.79 -9.28
CA ASP B 290 17.66 3.63 -9.39
C ASP B 290 17.12 4.21 -10.74
N THR B 291 17.98 4.19 -11.80
CA THR B 291 17.63 4.61 -13.16
C THR B 291 16.53 3.68 -13.65
N SER B 292 15.44 4.27 -14.14
CA SER B 292 14.26 3.52 -14.50
C SER B 292 13.84 3.82 -15.94
N ARG B 293 14.25 2.96 -16.91
CA ARG B 293 13.96 3.21 -18.34
C ARG B 293 13.43 2.00 -19.07
N GLN B 294 12.56 2.28 -20.03
CA GLN B 294 11.93 1.26 -20.88
C GLN B 294 12.00 1.71 -22.32
N ALA B 295 12.30 0.77 -23.24
CA ALA B 295 12.40 1.04 -24.69
C ALA B 295 11.03 1.45 -25.20
N GLU B 296 10.99 2.53 -26.00
CA GLU B 296 9.74 3.05 -26.59
C GLU B 296 8.96 1.96 -27.34
N ARG B 297 9.68 1.02 -27.98
CA ARG B 297 9.14 -0.16 -28.68
C ARG B 297 10.11 -1.34 -28.56
N TYR B 298 9.59 -2.56 -28.68
CA TYR B 298 10.39 -3.80 -28.56
C TYR B 298 10.72 -4.37 -29.92
N ARG B 299 10.25 -3.72 -31.00
CA ARG B 299 10.44 -4.14 -32.40
C ARG B 299 10.65 -2.98 -33.31
N ASP B 300 11.55 -3.14 -34.30
CA ASP B 300 11.84 -2.16 -35.34
C ASP B 300 12.17 -2.96 -36.58
N GLY B 301 11.13 -3.33 -37.31
CA GLY B 301 11.23 -4.14 -38.51
C GLY B 301 11.52 -5.58 -38.15
N ARG B 302 12.74 -6.03 -38.51
CA ARG B 302 13.18 -7.40 -38.29
C ARG B 302 14.08 -7.57 -37.10
N VAL B 303 14.20 -6.51 -36.28
CA VAL B 303 15.05 -6.49 -35.09
C VAL B 303 14.18 -6.33 -33.83
N LEU B 304 14.44 -7.15 -32.81
CA LEU B 304 13.67 -7.13 -31.57
C LEU B 304 14.55 -6.99 -30.36
N LEU B 305 13.97 -6.54 -29.24
CA LEU B 305 14.67 -6.41 -27.98
C LEU B 305 14.00 -7.32 -26.93
N ALA B 306 14.79 -7.85 -26.00
CA ALA B 306 14.32 -8.67 -24.90
C ALA B 306 15.27 -8.53 -23.68
N GLY B 307 14.71 -8.66 -22.47
CA GLY B 307 15.47 -8.57 -21.23
C GLY B 307 15.92 -7.16 -20.89
N ASP B 308 17.09 -7.03 -20.25
CA ASP B 308 17.62 -5.70 -19.89
C ASP B 308 17.74 -4.70 -21.05
N ALA B 309 17.82 -5.21 -22.30
CA ALA B 309 17.90 -4.41 -23.53
C ALA B 309 16.67 -3.50 -23.68
N CYS B 310 15.51 -3.95 -23.18
CA CYS B 310 14.36 -3.07 -23.23
C CYS B 310 13.78 -2.57 -21.91
N HIS B 311 14.46 -2.85 -20.78
CA HIS B 311 14.02 -2.35 -19.46
C HIS B 311 15.08 -2.43 -18.37
N ILE B 312 15.38 -1.28 -17.79
CA ILE B 312 16.28 -1.16 -16.64
C ILE B 312 15.53 -0.50 -15.52
N HIS B 313 15.81 -0.93 -14.30
CA HIS B 313 15.15 -0.46 -13.10
C HIS B 313 16.08 -0.78 -11.93
N LEU B 314 15.78 -0.22 -10.76
CA LEU B 314 16.46 -0.47 -9.51
C LEU B 314 16.28 -1.97 -9.19
N PRO B 315 17.39 -2.74 -8.98
CA PRO B 315 17.26 -4.15 -8.61
C PRO B 315 16.72 -4.23 -7.19
N ALA B 316 15.40 -4.42 -7.05
CA ALA B 316 14.66 -4.47 -5.79
C ALA B 316 13.55 -5.50 -5.91
N GLY B 317 13.60 -6.51 -5.08
CA GLY B 317 12.60 -7.59 -5.10
C GLY B 317 13.00 -8.76 -5.97
N GLY B 318 14.16 -8.62 -6.61
CA GLY B 318 14.75 -9.62 -7.50
C GLY B 318 13.83 -9.97 -8.66
N GLN B 319 13.66 -9.02 -9.63
CA GLN B 319 12.68 -9.15 -10.72
C GLN B 319 13.18 -9.20 -12.17
N GLY B 320 14.35 -8.59 -12.43
CA GLY B 320 14.93 -8.44 -13.75
C GLY B 320 15.17 -9.71 -14.54
N LEU B 321 15.89 -10.68 -13.95
CA LEU B 321 16.19 -11.94 -14.61
C LEU B 321 14.88 -12.62 -14.96
N ASN B 322 13.92 -12.68 -14.00
CA ASN B 322 12.60 -13.29 -14.21
C ASN B 322 11.80 -12.57 -15.32
N LEU B 323 11.91 -11.24 -15.40
CA LEU B 323 11.19 -10.43 -16.38
C LEU B 323 11.76 -10.70 -17.77
N GLY B 324 13.08 -10.82 -17.84
CA GLY B 324 13.80 -11.11 -19.08
C GLY B 324 13.61 -12.53 -19.54
N PHE B 325 13.58 -13.44 -18.61
CA PHE B 325 13.37 -14.85 -18.91
C PHE B 325 11.95 -15.01 -19.50
N GLN B 326 10.98 -14.29 -18.93
CA GLN B 326 9.59 -14.35 -19.36
C GLN B 326 9.33 -13.65 -20.69
N ASP B 327 10.18 -12.68 -21.04
CA ASP B 327 10.15 -11.98 -22.33
C ASP B 327 10.54 -13.00 -23.41
N ALA B 328 11.58 -13.81 -23.11
CA ALA B 328 12.10 -14.86 -23.98
C ALA B 328 11.08 -15.96 -24.25
N VAL B 329 10.39 -16.42 -23.21
CA VAL B 329 9.37 -17.46 -23.33
C VAL B 329 8.18 -16.97 -24.17
N ASN B 330 7.79 -15.70 -24.00
CA ASN B 330 6.72 -15.09 -24.79
C ASN B 330 7.16 -14.94 -26.28
N LEU B 331 8.37 -14.40 -26.54
CA LEU B 331 8.91 -14.15 -27.89
C LEU B 331 9.26 -15.44 -28.68
N GLY B 332 9.97 -16.38 -28.04
CA GLY B 332 10.47 -17.62 -28.64
C GLY B 332 9.55 -18.39 -29.56
N TRP B 333 8.34 -18.75 -29.07
CA TRP B 333 7.39 -19.52 -29.85
C TRP B 333 6.74 -18.70 -30.99
N LYS B 334 6.46 -17.41 -30.72
CA LYS B 334 5.86 -16.48 -31.70
C LYS B 334 6.84 -16.22 -32.85
N LEU B 335 8.13 -16.00 -32.53
CA LEU B 335 9.14 -15.75 -33.55
C LEU B 335 9.45 -17.02 -34.34
N GLY B 336 9.51 -18.17 -33.65
CA GLY B 336 9.76 -19.46 -34.29
C GLY B 336 8.68 -19.82 -35.30
N ALA B 337 7.40 -19.54 -34.96
CA ALA B 337 6.24 -19.77 -35.83
C ALA B 337 6.24 -18.79 -37.02
N THR B 338 6.67 -17.53 -36.79
CA THR B 338 6.81 -16.53 -37.86
C THR B 338 7.84 -17.02 -38.88
N ILE B 339 9.06 -17.46 -38.43
CA ILE B 339 10.08 -17.97 -39.35
C ILE B 339 9.63 -19.23 -40.08
N ALA B 340 8.89 -20.11 -39.38
CA ALA B 340 8.30 -21.35 -39.95
C ALA B 340 7.23 -21.02 -41.00
N GLY B 341 6.71 -19.79 -40.95
CA GLY B 341 5.71 -19.28 -41.88
C GLY B 341 4.32 -19.84 -41.67
N THR B 342 4.05 -20.32 -40.46
CA THR B 342 2.79 -20.93 -40.03
C THR B 342 1.94 -19.96 -39.18
N ALA B 343 2.59 -18.91 -38.68
CA ALA B 343 1.98 -17.94 -37.77
C ALA B 343 1.08 -16.94 -38.48
N PRO B 344 0.01 -16.43 -37.83
CA PRO B 344 -0.72 -15.31 -38.44
C PRO B 344 0.22 -14.08 -38.45
N PRO B 345 0.17 -13.16 -39.44
CA PRO B 345 1.17 -12.04 -39.47
C PRO B 345 1.14 -11.07 -38.29
N GLU B 346 0.01 -11.00 -37.59
CA GLU B 346 -0.16 -10.10 -36.46
C GLU B 346 0.33 -10.69 -35.11
N LEU B 347 0.85 -11.95 -35.12
CA LEU B 347 1.34 -12.65 -33.92
C LEU B 347 2.60 -12.07 -33.29
N LEU B 348 3.63 -11.79 -34.11
CA LEU B 348 4.90 -11.22 -33.64
C LEU B 348 4.68 -9.87 -32.93
N ASP B 349 3.69 -9.07 -33.40
CA ASP B 349 3.29 -7.80 -32.79
C ASP B 349 2.71 -7.95 -31.39
N THR B 350 2.10 -9.13 -31.06
CA THR B 350 1.55 -9.38 -29.72
C THR B 350 2.65 -9.49 -28.67
N TYR B 351 3.92 -9.67 -29.08
CA TYR B 351 5.04 -9.75 -28.16
C TYR B 351 5.22 -8.40 -27.43
N GLU B 352 5.29 -7.30 -28.16
CA GLU B 352 5.43 -5.98 -27.55
C GLU B 352 4.13 -5.62 -26.77
N ALA B 353 2.96 -5.87 -27.37
CA ALA B 353 1.67 -5.58 -26.76
C ALA B 353 1.50 -6.29 -25.39
N GLU B 354 2.01 -7.53 -25.28
CA GLU B 354 1.87 -8.26 -24.03
C GLU B 354 2.97 -7.95 -23.05
N ARG B 355 4.21 -7.83 -23.54
CA ARG B 355 5.33 -7.63 -22.65
C ARG B 355 5.54 -6.25 -22.09
N ARG B 356 5.37 -5.18 -22.90
CA ARG B 356 5.50 -3.78 -22.44
C ARG B 356 4.77 -3.49 -21.08
N PRO B 357 3.44 -3.77 -20.93
CA PRO B 357 2.78 -3.53 -19.63
C PRO B 357 3.38 -4.33 -18.45
N ILE B 358 3.90 -5.55 -18.72
CA ILE B 358 4.52 -6.33 -17.65
C ILE B 358 5.80 -5.65 -17.13
N ALA B 359 6.69 -5.24 -18.05
CA ALA B 359 7.90 -4.52 -17.67
C ALA B 359 7.48 -3.20 -17.02
N ALA B 360 6.43 -2.52 -17.54
CA ALA B 360 5.92 -1.26 -16.98
C ALA B 360 5.58 -1.41 -15.49
N GLY B 361 4.94 -2.54 -15.12
CA GLY B 361 4.61 -2.91 -13.75
C GLY B 361 5.84 -3.12 -12.86
N VAL B 362 6.95 -3.70 -13.39
CA VAL B 362 8.19 -3.91 -12.62
C VAL B 362 8.82 -2.53 -12.29
N LEU B 363 8.88 -1.63 -13.29
CA LEU B 363 9.40 -0.26 -13.17
C LEU B 363 8.58 0.54 -12.19
N ARG B 364 7.26 0.36 -12.21
CA ARG B 364 6.35 1.03 -11.30
C ARG B 364 6.64 0.65 -9.84
N ASN B 365 6.66 -0.65 -9.54
CA ASN B 365 6.89 -1.11 -8.18
C ASN B 365 8.31 -0.84 -7.69
N THR B 366 9.30 -0.91 -8.58
CA THR B 366 10.69 -0.60 -8.23
C THR B 366 10.89 0.89 -8.02
N ARG B 367 10.19 1.75 -8.79
CA ARG B 367 10.22 3.22 -8.58
C ARG B 367 9.66 3.57 -7.21
N ALA B 368 8.62 2.81 -6.79
CA ALA B 368 7.99 2.96 -5.49
C ALA B 368 9.01 2.53 -4.42
N GLN B 369 9.69 1.34 -4.59
CA GLN B 369 10.69 0.83 -3.63
C GLN B 369 11.86 1.77 -3.46
N ALA B 370 12.29 2.43 -4.54
CA ALA B 370 13.43 3.38 -4.59
C ALA B 370 13.25 4.55 -3.63
N VAL B 371 12.01 4.99 -3.47
CA VAL B 371 11.68 6.05 -2.53
C VAL B 371 11.69 5.46 -1.11
N LEU B 372 11.02 4.31 -0.93
CA LEU B 372 10.90 3.62 0.35
C LEU B 372 12.23 3.30 1.02
N ILE B 373 13.31 3.05 0.23
CA ILE B 373 14.66 2.75 0.75
C ILE B 373 15.52 4.02 0.98
N ASP B 374 15.01 5.20 0.60
CA ASP B 374 15.71 6.47 0.78
C ASP B 374 15.64 6.81 2.30
N PRO B 375 16.83 6.97 2.96
CA PRO B 375 16.83 7.16 4.41
C PRO B 375 16.26 8.45 4.95
N ASP B 376 15.98 9.45 4.08
CA ASP B 376 15.41 10.72 4.53
C ASP B 376 14.21 10.45 5.47
N PRO B 377 14.25 10.94 6.74
CA PRO B 377 13.09 10.73 7.64
C PRO B 377 11.74 11.19 7.07
N ARG B 378 11.75 11.95 5.95
CA ARG B 378 10.54 12.38 5.23
C ARG B 378 9.71 11.17 4.75
N TYR B 379 10.38 10.03 4.47
CA TYR B 379 9.70 8.82 3.98
C TYR B 379 9.29 7.83 5.05
N GLU B 380 9.35 8.25 6.33
CA GLU B 380 8.98 7.43 7.47
C GLU B 380 7.49 7.02 7.50
N GLY B 381 6.58 7.99 7.34
CA GLY B 381 5.15 7.75 7.31
C GLY B 381 4.82 6.77 6.23
N LEU B 382 5.40 7.01 5.05
CA LEU B 382 5.30 6.16 3.86
C LEU B 382 5.81 4.76 4.14
N ARG B 383 7.02 4.61 4.75
CA ARG B 383 7.51 3.27 5.11
C ARG B 383 6.56 2.55 6.07
N GLU B 384 6.13 3.25 7.14
CA GLU B 384 5.25 2.76 8.19
C GLU B 384 3.84 2.41 7.66
N LEU B 385 3.29 3.23 6.74
CA LEU B 385 2.00 2.91 6.11
C LEU B 385 2.13 1.69 5.18
N MET B 386 3.29 1.52 4.48
CA MET B 386 3.53 0.36 3.64
C MET B 386 3.61 -0.91 4.47
N ILE B 387 4.33 -0.90 5.61
CA ILE B 387 4.41 -2.06 6.51
C ILE B 387 2.99 -2.49 6.93
N GLU B 388 2.14 -1.53 7.35
CA GLU B 388 0.75 -1.77 7.74
C GLU B 388 -0.06 -2.40 6.58
N LEU B 389 0.02 -1.83 5.35
CA LEU B 389 -0.66 -2.35 4.17
C LEU B 389 -0.16 -3.76 3.84
N LEU B 390 1.13 -4.01 3.99
CA LEU B 390 1.72 -5.34 3.76
C LEU B 390 1.17 -6.40 4.69
N HIS B 391 0.65 -5.99 5.88
CA HIS B 391 0.01 -6.87 6.85
C HIS B 391 -1.44 -7.17 6.47
N VAL B 392 -2.01 -6.46 5.47
CA VAL B 392 -3.36 -6.73 4.99
C VAL B 392 -3.20 -7.90 3.98
N PRO B 393 -3.81 -9.07 4.26
CA PRO B 393 -3.60 -10.25 3.38
C PRO B 393 -3.70 -10.04 1.88
N GLU B 394 -4.80 -9.42 1.42
CA GLU B 394 -5.02 -9.18 -0.02
C GLU B 394 -4.04 -8.20 -0.63
N THR B 395 -3.56 -7.22 0.18
CA THR B 395 -2.52 -6.30 -0.27
C THR B 395 -1.23 -7.11 -0.41
N ASN B 396 -0.90 -7.95 0.60
CA ASN B 396 0.27 -8.82 0.54
C ASN B 396 0.22 -9.70 -0.71
N ARG B 397 -0.95 -10.37 -0.98
CA ARG B 397 -1.17 -11.21 -2.15
C ARG B 397 -1.03 -10.46 -3.48
N TYR B 398 -1.59 -9.23 -3.58
CA TYR B 398 -1.44 -8.42 -4.80
C TYR B 398 0.04 -8.17 -5.13
N LEU B 399 0.84 -7.75 -4.17
CA LEU B 399 2.26 -7.51 -4.44
C LEU B 399 3.03 -8.79 -4.67
N ALA B 400 2.68 -9.87 -3.98
CA ALA B 400 3.33 -11.17 -4.14
C ALA B 400 3.09 -11.72 -5.53
N GLY B 401 1.91 -11.49 -6.08
CA GLY B 401 1.54 -11.95 -7.42
C GLY B 401 2.25 -11.18 -8.51
N LEU B 402 2.54 -9.90 -8.23
CA LEU B 402 3.27 -9.00 -9.11
C LEU B 402 4.71 -9.47 -9.21
N ILE B 403 5.41 -9.45 -8.09
CA ILE B 403 6.80 -9.83 -7.94
C ILE B 403 7.12 -11.27 -8.39
N SER B 404 6.28 -12.25 -7.99
CA SER B 404 6.47 -13.65 -8.36
C SER B 404 6.10 -13.90 -9.81
N ALA B 405 5.32 -12.95 -10.43
CA ALA B 405 4.73 -13.01 -11.77
C ALA B 405 3.66 -14.12 -11.85
N LEU B 406 3.13 -14.57 -10.71
CA LEU B 406 2.10 -15.61 -10.75
C LEU B 406 0.75 -15.06 -11.19
N ASP B 407 0.58 -13.73 -11.17
CA ASP B 407 -0.65 -13.04 -11.50
C ASP B 407 -0.66 -12.33 -12.84
N VAL B 408 0.38 -12.52 -13.70
CA VAL B 408 0.40 -11.92 -15.04
C VAL B 408 -0.82 -12.29 -15.86
N ARG B 409 -1.52 -11.27 -16.32
CA ARG B 409 -2.70 -11.41 -17.16
C ARG B 409 -2.51 -10.59 -18.43
N TYR B 410 -2.55 -11.24 -19.59
CA TYR B 410 -2.48 -10.58 -20.89
C TYR B 410 -3.90 -10.28 -21.38
N PRO B 411 -4.12 -9.11 -22.04
CA PRO B 411 -5.46 -8.84 -22.58
C PRO B 411 -5.78 -9.80 -23.70
N MET B 412 -6.96 -10.29 -23.62
CA MET B 412 -7.59 -11.15 -24.57
C MET B 412 -8.85 -10.35 -24.83
N ALA B 413 -9.22 -10.20 -26.09
CA ALA B 413 -10.48 -9.53 -26.41
C ALA B 413 -11.66 -10.33 -25.74
N GLY B 414 -11.53 -11.68 -25.70
CA GLY B 414 -12.47 -12.61 -25.08
C GLY B 414 -12.87 -12.30 -23.64
N GLU B 415 -13.92 -12.99 -23.14
CA GLU B 415 -14.49 -12.69 -21.80
C GLU B 415 -14.46 -13.72 -20.65
N HIS B 416 -14.00 -14.97 -20.88
CA HIS B 416 -13.88 -15.97 -19.82
C HIS B 416 -12.72 -15.55 -18.86
N PRO B 417 -12.87 -15.70 -17.52
CA PRO B 417 -11.84 -15.19 -16.57
C PRO B 417 -10.41 -15.74 -16.61
N LEU B 418 -10.25 -16.94 -17.13
CA LEU B 418 -8.94 -17.57 -17.23
C LEU B 418 -8.15 -17.08 -18.42
N LEU B 419 -8.81 -16.45 -19.39
CA LEU B 419 -8.21 -15.90 -20.59
C LEU B 419 -7.09 -14.94 -20.28
N GLY B 420 -5.90 -15.28 -20.77
CA GLY B 420 -4.71 -14.47 -20.55
C GLY B 420 -3.93 -14.84 -19.31
N ARG B 421 -4.42 -15.84 -18.56
CA ARG B 421 -3.75 -16.27 -17.32
C ARG B 421 -3.04 -17.58 -17.53
N ARG B 422 -2.10 -17.88 -16.64
CA ARG B 422 -1.32 -19.11 -16.70
C ARG B 422 -2.20 -20.33 -16.43
N VAL B 423 -1.82 -21.50 -16.97
CA VAL B 423 -2.50 -22.71 -16.55
C VAL B 423 -1.77 -23.17 -15.30
N PRO B 424 -2.46 -23.57 -14.23
CA PRO B 424 -1.75 -24.21 -13.11
C PRO B 424 -1.22 -25.58 -13.58
N ASP B 425 -0.18 -26.10 -12.90
CA ASP B 425 0.36 -27.43 -13.21
C ASP B 425 -0.62 -28.43 -12.58
N LEU B 426 -1.67 -28.74 -13.31
CA LEU B 426 -2.75 -29.60 -12.85
C LEU B 426 -2.37 -31.07 -12.77
N PRO B 427 -2.71 -31.80 -11.68
CA PRO B 427 -2.53 -33.27 -11.68
C PRO B 427 -3.68 -33.83 -12.56
N LEU B 428 -3.32 -34.49 -13.66
CA LEU B 428 -4.36 -34.97 -14.57
C LEU B 428 -4.67 -36.42 -14.44
N VAL B 429 -5.95 -36.75 -14.33
CA VAL B 429 -6.31 -38.16 -14.30
C VAL B 429 -6.54 -38.63 -15.73
N THR B 430 -5.75 -39.62 -16.17
CA THR B 430 -5.79 -40.12 -17.55
C THR B 430 -5.76 -41.64 -17.55
N GLU B 431 -5.73 -42.26 -18.74
CA GLU B 431 -5.45 -43.68 -18.93
C GLU B 431 -3.92 -43.64 -18.77
N ASP B 432 -3.31 -44.61 -18.08
CA ASP B 432 -1.88 -44.58 -17.70
C ASP B 432 -1.71 -43.60 -16.50
N GLY B 433 -2.65 -43.71 -15.56
CA GLY B 433 -2.73 -42.96 -14.31
C GLY B 433 -2.64 -41.46 -14.34
N THR B 434 -2.17 -40.88 -13.24
CA THR B 434 -2.06 -39.45 -13.11
C THR B 434 -0.73 -38.91 -13.61
N ARG B 435 -0.82 -37.80 -14.33
CA ARG B 435 0.30 -37.14 -14.94
C ARG B 435 0.12 -35.66 -14.75
N GLN B 436 1.22 -34.94 -14.58
CA GLN B 436 1.18 -33.50 -14.38
C GLN B 436 1.03 -32.82 -15.73
N LEU B 437 0.20 -31.77 -15.79
CA LEU B 437 -0.04 -31.01 -17.03
C LEU B 437 1.28 -30.44 -17.66
N SER B 438 2.27 -30.08 -16.83
CA SER B 438 3.55 -29.50 -17.30
C SER B 438 4.42 -30.47 -18.14
N THR B 439 4.20 -31.79 -17.99
CA THR B 439 4.99 -32.78 -18.74
C THR B 439 4.57 -32.85 -20.23
N TYR B 440 3.44 -32.21 -20.58
CA TYR B 440 2.92 -32.18 -21.94
C TYR B 440 3.41 -30.95 -22.70
N PHE B 441 4.25 -30.08 -22.07
CA PHE B 441 4.75 -28.85 -22.70
C PHE B 441 6.25 -28.87 -23.02
N HIS B 442 6.92 -30.04 -22.94
CA HIS B 442 8.36 -30.13 -23.24
C HIS B 442 8.75 -29.66 -24.64
N ALA B 443 7.91 -29.97 -25.65
CA ALA B 443 8.17 -29.61 -27.05
C ALA B 443 7.81 -28.15 -27.42
N ALA B 444 7.17 -27.41 -26.50
CA ALA B 444 6.76 -26.00 -26.73
C ALA B 444 5.74 -25.87 -27.88
N ARG B 445 4.81 -26.84 -27.93
CA ARG B 445 3.68 -26.84 -28.83
C ARG B 445 2.51 -26.36 -27.97
N GLY B 446 1.41 -25.96 -28.60
CA GLY B 446 0.20 -25.62 -27.85
C GLY B 446 -0.48 -26.89 -27.37
N VAL B 447 -1.29 -26.78 -26.33
CA VAL B 447 -1.99 -27.94 -25.82
C VAL B 447 -3.47 -27.70 -25.66
N LEU B 448 -4.25 -28.60 -26.22
CA LEU B 448 -5.68 -28.55 -26.14
C LEU B 448 -6.04 -29.64 -25.14
N LEU B 449 -6.35 -29.20 -23.91
CA LEU B 449 -6.69 -30.08 -22.81
C LEU B 449 -8.18 -30.27 -22.65
N THR B 450 -8.63 -31.52 -22.80
CA THR B 450 -10.05 -31.85 -22.64
C THR B 450 -10.24 -32.62 -21.36
N LEU B 451 -11.34 -32.35 -20.68
CA LEU B 451 -11.72 -33.00 -19.43
C LEU B 451 -13.11 -33.60 -19.64
N GLY B 452 -13.14 -34.76 -20.29
CA GLY B 452 -14.36 -35.49 -20.57
C GLY B 452 -14.44 -36.24 -21.88
N CYS B 453 -15.26 -37.31 -21.86
CA CYS B 453 -15.61 -38.23 -22.97
C CYS B 453 -16.14 -37.55 -24.26
N ASP B 454 -16.29 -36.22 -24.27
CA ASP B 454 -16.75 -35.46 -25.43
C ASP B 454 -15.57 -35.23 -26.39
N GLN B 455 -15.68 -35.82 -27.61
CA GLN B 455 -14.64 -35.71 -28.64
C GLN B 455 -15.00 -35.00 -29.96
N PRO B 456 -15.88 -33.95 -29.95
CA PRO B 456 -16.10 -33.19 -31.19
C PRO B 456 -15.02 -32.11 -31.31
N LEU B 457 -14.21 -31.98 -30.26
CA LEU B 457 -13.13 -31.04 -30.13
C LEU B 457 -11.90 -31.54 -30.85
N ALA B 458 -11.59 -32.85 -30.76
CA ALA B 458 -10.42 -33.44 -31.39
C ALA B 458 -10.46 -33.33 -32.92
N ASP B 459 -11.65 -33.58 -33.51
CA ASP B 459 -11.86 -33.46 -34.95
C ASP B 459 -11.76 -32.01 -35.43
N GLU B 460 -12.33 -31.05 -34.67
CA GLU B 460 -12.31 -29.62 -35.00
C GLU B 460 -10.92 -28.97 -34.94
N ALA B 461 -10.01 -29.56 -34.15
CA ALA B 461 -8.64 -29.11 -33.95
C ALA B 461 -7.62 -29.93 -34.72
N ALA B 462 -8.08 -31.01 -35.42
CA ALA B 462 -7.25 -31.91 -36.21
C ALA B 462 -6.37 -31.21 -37.25
N ALA B 463 -6.89 -30.16 -37.92
CA ALA B 463 -6.15 -29.36 -38.90
C ALA B 463 -4.93 -28.60 -38.27
N TRP B 464 -4.87 -28.49 -36.91
CA TRP B 464 -3.77 -27.83 -36.18
C TRP B 464 -2.90 -28.82 -35.39
N LYS B 465 -3.08 -30.15 -35.63
CA LYS B 465 -2.37 -31.29 -34.98
C LYS B 465 -0.87 -31.15 -35.01
N ASP B 466 -0.36 -30.50 -36.03
CA ASP B 466 1.09 -30.25 -36.21
C ASP B 466 1.62 -29.11 -35.29
N ARG B 467 0.73 -28.25 -34.79
CA ARG B 467 1.14 -27.16 -33.92
C ARG B 467 0.64 -27.35 -32.51
N VAL B 468 -0.47 -28.12 -32.35
CA VAL B 468 -1.12 -28.34 -31.05
C VAL B 468 -1.40 -29.78 -30.73
N ASP B 469 -1.09 -30.18 -29.49
CA ASP B 469 -1.31 -31.53 -29.01
C ASP B 469 -2.57 -31.61 -28.22
N LEU B 470 -3.36 -32.65 -28.48
CA LEU B 470 -4.56 -32.94 -27.73
C LEU B 470 -4.15 -33.78 -26.50
N VAL B 471 -4.46 -33.29 -25.32
CA VAL B 471 -4.21 -33.98 -24.07
C VAL B 471 -5.61 -34.32 -23.55
N ALA B 472 -6.00 -35.59 -23.73
CA ALA B 472 -7.31 -36.09 -23.36
C ALA B 472 -7.32 -36.71 -21.97
N ALA B 473 -7.88 -35.98 -21.00
CA ALA B 473 -7.97 -36.42 -19.61
C ALA B 473 -9.39 -36.74 -19.16
N GLU B 474 -9.50 -37.62 -18.17
CA GLU B 474 -10.76 -37.99 -17.55
C GLU B 474 -11.23 -36.85 -16.64
N GLY B 475 -10.28 -36.12 -16.05
CA GLY B 475 -10.53 -35.01 -15.15
C GLY B 475 -9.28 -34.55 -14.42
N VAL B 476 -9.46 -33.66 -13.43
CA VAL B 476 -8.38 -33.11 -12.59
C VAL B 476 -8.34 -33.94 -11.32
N ALA B 477 -7.14 -34.34 -10.90
CA ALA B 477 -6.97 -35.13 -9.69
C ALA B 477 -7.22 -34.34 -8.41
N ASP B 478 -7.36 -33.00 -8.49
CA ASP B 478 -7.60 -32.11 -7.35
C ASP B 478 -8.90 -31.29 -7.49
N PRO B 479 -9.77 -31.28 -6.46
CA PRO B 479 -11.04 -30.54 -6.56
C PRO B 479 -10.95 -29.01 -6.49
N GLY B 480 -9.87 -28.51 -5.88
CA GLY B 480 -9.62 -27.08 -5.70
C GLY B 480 -9.59 -26.27 -6.99
N SER B 481 -8.82 -26.75 -8.00
CA SER B 481 -8.55 -26.20 -9.34
C SER B 481 -9.40 -25.03 -9.89
N ALA B 482 -8.70 -24.03 -10.45
CA ALA B 482 -9.27 -22.83 -11.09
C ALA B 482 -10.01 -23.21 -12.39
N VAL B 483 -9.78 -24.45 -12.83
CA VAL B 483 -10.28 -25.10 -14.02
C VAL B 483 -11.51 -26.00 -13.74
N ASP B 484 -11.93 -26.13 -12.47
CA ASP B 484 -13.04 -27.02 -12.08
C ASP B 484 -14.35 -26.97 -12.89
N GLY B 485 -14.87 -25.78 -13.17
CA GLY B 485 -16.09 -25.66 -13.96
C GLY B 485 -15.92 -25.92 -15.46
N LEU B 486 -14.68 -26.05 -15.96
CA LEU B 486 -14.35 -26.24 -17.38
C LEU B 486 -14.31 -27.68 -17.86
N THR B 487 -14.51 -27.87 -19.16
CA THR B 487 -14.45 -29.17 -19.83
C THR B 487 -13.30 -29.18 -20.84
N ALA B 488 -12.79 -27.99 -21.24
CA ALA B 488 -11.74 -27.82 -22.24
C ALA B 488 -11.02 -26.48 -22.14
N LEU B 489 -9.69 -26.48 -22.45
CA LEU B 489 -8.78 -25.32 -22.44
C LEU B 489 -7.83 -25.40 -23.62
N LEU B 490 -7.54 -24.27 -24.22
CA LEU B 490 -6.54 -24.18 -25.24
C LEU B 490 -5.45 -23.33 -24.65
N VAL B 491 -4.26 -23.94 -24.54
CA VAL B 491 -3.10 -23.31 -23.93
C VAL B 491 -2.02 -23.04 -24.95
N ARG B 492 -1.47 -21.80 -24.90
CA ARG B 492 -0.36 -21.35 -25.75
C ARG B 492 0.94 -22.06 -25.33
N PRO B 493 1.99 -22.13 -26.18
CA PRO B 493 3.26 -22.79 -25.75
C PRO B 493 3.91 -22.21 -24.49
N ASP B 494 3.55 -20.95 -24.11
CA ASP B 494 4.07 -20.28 -22.92
C ASP B 494 3.28 -20.57 -21.64
N GLY B 495 2.24 -21.40 -21.74
CA GLY B 495 1.40 -21.77 -20.60
C GLY B 495 0.26 -20.79 -20.34
N TYR B 496 0.01 -19.85 -21.26
CA TYR B 496 -1.09 -18.91 -21.10
C TYR B 496 -2.33 -19.37 -21.83
N ILE B 497 -3.44 -19.36 -21.11
CA ILE B 497 -4.69 -19.80 -21.69
C ILE B 497 -5.31 -18.77 -22.67
N CYS B 498 -5.80 -19.27 -23.84
CA CYS B 498 -6.38 -18.44 -24.88
C CYS B 498 -7.81 -18.82 -25.27
N TRP B 499 -8.36 -19.89 -24.67
CA TRP B 499 -9.72 -20.36 -24.97
C TRP B 499 -10.15 -21.34 -23.91
N THR B 500 -11.43 -21.28 -23.50
CA THR B 500 -12.03 -22.20 -22.54
C THR B 500 -13.43 -22.61 -22.97
N ALA B 501 -13.87 -23.77 -22.55
CA ALA B 501 -15.23 -24.24 -22.74
C ALA B 501 -15.69 -24.81 -21.39
N ALA B 502 -16.94 -24.55 -21.08
CA ALA B 502 -17.65 -25.03 -19.91
C ALA B 502 -18.75 -25.92 -20.50
N PRO B 503 -19.44 -26.79 -19.70
CA PRO B 503 -20.46 -27.67 -20.30
C PRO B 503 -21.52 -26.92 -21.10
N GLU B 504 -22.01 -25.79 -20.58
CA GLU B 504 -23.02 -24.95 -21.24
C GLU B 504 -22.53 -24.41 -22.59
N THR B 505 -21.31 -23.80 -22.64
CA THR B 505 -20.72 -23.17 -23.81
C THR B 505 -20.56 -24.08 -25.04
N GLY B 506 -19.86 -25.20 -24.88
CA GLY B 506 -19.59 -26.20 -25.90
C GLY B 506 -18.98 -25.75 -27.24
N THR B 507 -17.67 -26.05 -27.48
CA THR B 507 -16.94 -25.84 -28.76
C THR B 507 -16.90 -24.43 -29.37
N ASP B 508 -17.86 -23.54 -29.03
CA ASP B 508 -17.89 -22.17 -29.58
C ASP B 508 -16.60 -21.36 -29.34
N GLY B 509 -15.90 -21.02 -30.42
CA GLY B 509 -14.69 -20.21 -30.40
C GLY B 509 -13.34 -20.89 -30.55
N LEU B 510 -13.28 -22.26 -30.60
CA LEU B 510 -12.01 -23.00 -30.72
C LEU B 510 -11.23 -22.62 -31.97
N THR B 511 -11.87 -22.70 -33.14
CA THR B 511 -11.30 -22.43 -34.46
C THR B 511 -10.76 -20.99 -34.56
N ASP B 512 -11.46 -20.04 -33.94
CA ASP B 512 -11.06 -18.65 -33.89
C ASP B 512 -9.80 -18.51 -33.05
N ALA B 513 -9.78 -19.17 -31.86
CA ALA B 513 -8.61 -19.18 -30.97
C ALA B 513 -7.40 -19.85 -31.63
N LEU B 514 -7.65 -20.95 -32.37
CA LEU B 514 -6.64 -21.71 -33.09
C LEU B 514 -6.05 -20.84 -34.20
N ARG B 515 -6.93 -20.15 -34.98
CA ARG B 515 -6.51 -19.24 -36.05
C ARG B 515 -5.71 -18.04 -35.51
N THR B 516 -6.19 -17.42 -34.39
CA THR B 516 -5.54 -16.26 -33.76
C THR B 516 -4.13 -16.56 -33.23
N TRP B 517 -3.92 -17.72 -32.56
CA TRP B 517 -2.60 -18.02 -31.99
C TRP B 517 -1.71 -19.01 -32.76
N PHE B 518 -2.29 -19.89 -33.59
CA PHE B 518 -1.47 -20.87 -34.31
C PHE B 518 -1.46 -20.74 -35.82
N GLY B 519 -2.30 -19.86 -36.37
CA GLY B 519 -2.37 -19.65 -37.81
C GLY B 519 -3.45 -20.43 -38.53
N PRO B 520 -3.42 -20.39 -39.89
CA PRO B 520 -4.47 -21.06 -40.68
C PRO B 520 -4.46 -22.59 -40.60
N PRO B 521 -5.60 -23.29 -40.83
CA PRO B 521 -5.58 -24.77 -40.79
C PRO B 521 -4.69 -25.37 -41.85
N ALA B 522 -4.10 -26.55 -41.56
CA ALA B 522 -3.23 -27.30 -42.46
C ALA B 522 -4.04 -28.29 -43.31
#